data_4CPL
#
_entry.id   4CPL
#
_cell.length_a   159.784
_cell.length_b   159.784
_cell.length_c   91.592
_cell.angle_alpha   90.00
_cell.angle_beta   90.00
_cell.angle_gamma   120.00
#
_symmetry.space_group_name_H-M   'P 32 2 1'
#
loop_
_entity.id
_entity.type
_entity.pdbx_description
1 polymer NEURAMINIDASE
2 branched beta-D-mannopyranose-(1-4)-2-acetamido-2-deoxy-beta-D-glucopyranose-(1-4)-2-acetamido-2-deoxy-beta-D-glucopyranose
3 branched 2-acetamido-2-deoxy-beta-D-glucopyranose-(1-4)-2-acetamido-2-deoxy-beta-D-glucopyranose
4 non-polymer 'CALCIUM ION'
5 non-polymer 2-acetamido-2-deoxy-beta-D-glucopyranose
6 water water
#
_entity_poly.entity_id   1
_entity_poly.type   'polypeptide(L)'
_entity_poly.pdbx_seq_one_letter_code
;MLPSTIQTLTLFLTSGGVLLSLYVSASLSYLLYSDILLKFSPTEITAPTMPLDCANASNVQAVNRSATKGVTLLLPEPEW
TYPRLSCPGSTFQKALLISPHRFGETKGNSAPLIIREPFIACGPNECKHFALTHYAAQPGGYYNGTRGDRNKLRHLISVK
LGKIPTVENSIFHMAAWSGSACHDGKEWTYIGVDGPDNNALLKVKYGEAYTDTYHSYANKILRTQESACNCIGGNCYLMI
TDGSASGVSECRFLKIREGRIIKEIFPTGRVKHTEECTCGFASNKTIECACRDNSYTAKRPFVKLNVETDTAEIRLMCTD
TYLDTPRPNDGSITGPCESNGDKGSGGIKGGFVHQRMESKIGRWYSRTMSKTERMGMGLYVKYDGDPWADSDALAFSGVM
VSMKEPGWYSFGFEIKDKKCDVPCIGIEMVHDGGKETWHSAATAIYCLMGSGQLLWDTVTGVDMAL
;
_entity_poly.pdbx_strand_id   A,B
#
# COMPACT_ATOMS: atom_id res chain seq x y z
N GLU A 77 3.05 -29.07 -1.31
CA GLU A 77 4.50 -29.04 -1.19
C GLU A 77 5.12 -27.98 -2.10
N PRO A 78 6.05 -27.18 -1.56
CA PRO A 78 6.67 -26.10 -2.34
C PRO A 78 7.64 -26.60 -3.41
N GLU A 79 7.65 -25.93 -4.56
CA GLU A 79 8.56 -26.21 -5.66
C GLU A 79 9.51 -25.04 -5.81
N TRP A 80 10.63 -25.26 -6.49
CA TRP A 80 11.55 -24.18 -6.78
C TRP A 80 10.81 -23.15 -7.62
N THR A 81 11.12 -21.88 -7.40
CA THR A 81 10.54 -20.85 -8.25
C THR A 81 11.44 -20.50 -9.43
N TYR A 82 10.81 -19.96 -10.47
CA TYR A 82 11.48 -19.53 -11.70
C TYR A 82 10.88 -18.18 -12.06
N PRO A 83 11.63 -17.33 -12.79
CA PRO A 83 11.00 -16.09 -13.24
C PRO A 83 9.86 -16.39 -14.20
N ARG A 84 8.78 -15.63 -14.13
CA ARG A 84 7.64 -15.83 -15.03
C ARG A 84 7.46 -14.58 -15.88
N LEU A 85 6.57 -14.63 -16.87
CA LEU A 85 6.24 -13.43 -17.61
C LEU A 85 5.68 -12.39 -16.64
N SER A 86 5.89 -11.12 -16.93
CA SER A 86 5.43 -10.06 -16.05
C SER A 86 3.94 -9.84 -16.21
N CYS A 87 3.32 -9.30 -15.17
CA CYS A 87 1.92 -8.94 -15.25
C CYS A 87 1.74 -7.83 -16.29
N PRO A 88 0.55 -7.73 -16.89
CA PRO A 88 0.28 -6.66 -17.87
C PRO A 88 0.46 -5.30 -17.23
N GLY A 89 0.79 -4.30 -18.05
CA GLY A 89 1.02 -2.95 -17.55
C GLY A 89 2.00 -2.20 -18.42
N SER A 90 1.97 -0.88 -18.33
CA SER A 90 2.84 -0.07 -19.17
C SER A 90 3.33 1.20 -18.47
N THR A 91 2.96 1.39 -17.21
CA THR A 91 3.48 2.49 -16.43
C THR A 91 3.64 2.06 -14.98
N PHE A 92 4.56 2.71 -14.26
CA PHE A 92 4.64 2.51 -12.81
C PHE A 92 3.75 3.53 -12.13
N GLN A 93 3.36 3.23 -10.89
CA GLN A 93 2.61 4.17 -10.06
C GLN A 93 3.07 4.05 -8.62
N LYS A 94 2.83 5.09 -7.85
CA LYS A 94 3.14 5.07 -6.42
C LYS A 94 2.32 4.00 -5.71
N ALA A 95 2.99 3.14 -4.95
CA ALA A 95 2.31 2.03 -4.29
C ALA A 95 2.20 2.24 -2.79
N LEU A 96 3.34 2.50 -2.15
CA LEU A 96 3.42 2.38 -0.70
C LEU A 96 4.61 3.15 -0.17
N LEU A 97 4.40 3.81 0.97
CA LEU A 97 5.48 4.45 1.71
C LEU A 97 5.67 3.78 3.08
N ILE A 98 6.89 3.37 3.40
CA ILE A 98 7.21 2.93 4.75
C ILE A 98 8.10 4.01 5.37
N SER A 99 7.54 4.80 6.27
CA SER A 99 8.24 5.97 6.83
C SER A 99 8.22 5.89 8.35
N PRO A 100 9.07 5.04 8.93
CA PRO A 100 8.95 4.71 10.35
C PRO A 100 9.21 5.91 11.26
N HIS A 101 9.98 6.89 10.77
CA HIS A 101 10.33 8.03 11.62
C HIS A 101 9.23 9.08 11.71
N ARG A 102 8.12 8.85 11.00
CA ARG A 102 6.90 9.60 11.28
C ARG A 102 6.42 9.34 12.70
N PHE A 103 6.94 8.27 13.31
CA PHE A 103 6.55 7.91 14.67
C PHE A 103 7.70 8.03 15.68
N GLY A 104 8.81 8.65 15.27
CA GLY A 104 9.97 8.75 16.13
C GLY A 104 10.09 10.01 16.98
N GLU A 105 9.02 10.78 17.14
CA GLU A 105 9.11 12.03 17.91
C GLU A 105 9.35 11.77 19.40
N THR A 106 10.05 12.71 20.04
CA THR A 106 10.21 12.62 21.49
C THR A 106 8.86 12.70 22.21
N LYS A 107 7.89 13.36 21.58
CA LYS A 107 6.54 13.43 22.14
C LYS A 107 5.76 12.13 21.97
N GLY A 108 6.29 11.22 21.18
CA GLY A 108 5.59 9.99 20.85
C GLY A 108 5.97 8.84 21.76
N ASN A 109 5.46 7.64 21.44
CA ASN A 109 5.68 6.47 22.25
C ASN A 109 6.15 5.29 21.41
N SER A 110 6.79 5.56 20.28
CA SER A 110 7.18 4.48 19.37
C SER A 110 8.70 4.29 19.32
N ALA A 111 9.13 3.20 18.69
CA ALA A 111 10.55 2.90 18.61
C ALA A 111 10.96 2.39 17.23
N PRO A 112 10.83 3.26 16.20
CA PRO A 112 11.34 2.83 14.90
C PRO A 112 12.86 2.64 14.97
N LEU A 113 13.35 1.60 14.30
CA LEU A 113 14.78 1.34 14.30
C LEU A 113 15.50 2.27 13.34
N ILE A 114 16.71 2.66 13.71
CA ILE A 114 17.59 3.42 12.84
C ILE A 114 18.23 2.46 11.83
N ILE A 115 17.95 2.68 10.55
CA ILE A 115 18.37 1.78 9.49
C ILE A 115 18.92 2.55 8.27
N ARG A 116 19.60 1.84 7.39
CA ARG A 116 19.89 2.34 6.05
C ARG A 116 19.99 1.11 5.14
N GLU A 117 20.17 1.36 3.86
CA GLU A 117 20.22 0.29 2.84
C GLU A 117 19.03 -0.68 2.92
N PRO A 118 17.80 -0.15 2.89
CA PRO A 118 16.67 -1.07 2.86
C PRO A 118 16.58 -1.76 1.50
N PHE A 119 15.97 -2.94 1.47
CA PHE A 119 15.59 -3.55 0.20
C PHE A 119 14.43 -4.48 0.46
N ILE A 120 13.83 -4.98 -0.61
CA ILE A 120 12.69 -5.88 -0.49
C ILE A 120 12.95 -7.14 -1.29
N ALA A 121 12.52 -8.28 -0.77
CA ALA A 121 12.55 -9.54 -1.53
C ALA A 121 11.26 -10.28 -1.26
N CYS A 122 10.75 -10.96 -2.29
CA CYS A 122 9.46 -11.63 -2.15
C CYS A 122 9.58 -13.11 -2.46
N GLY A 123 8.80 -13.91 -1.74
CA GLY A 123 8.65 -15.32 -2.06
C GLY A 123 7.25 -15.55 -2.60
N PRO A 124 6.84 -16.82 -2.73
CA PRO A 124 5.54 -17.09 -3.31
C PRO A 124 4.37 -16.53 -2.47
N ASN A 125 4.55 -16.38 -1.16
CA ASN A 125 3.45 -15.99 -0.28
C ASN A 125 3.59 -14.64 0.41
N GLU A 126 4.80 -14.15 0.58
CA GLU A 126 4.96 -12.87 1.28
C GLU A 126 6.20 -12.11 0.82
N CYS A 127 6.14 -10.81 1.02
CA CYS A 127 7.28 -9.92 0.76
C CYS A 127 7.89 -9.49 2.08
N LYS A 128 9.21 -9.44 2.12
CA LYS A 128 9.92 -9.00 3.31
C LYS A 128 10.70 -7.73 3.05
N HIS A 129 10.65 -6.82 4.00
CA HIS A 129 11.33 -5.54 3.91
C HIS A 129 12.58 -5.65 4.81
N PHE A 130 13.76 -5.64 4.19
CA PHE A 130 15.03 -5.82 4.90
C PHE A 130 15.73 -4.47 5.03
N ALA A 131 16.61 -4.36 6.01
CA ALA A 131 17.50 -3.22 6.13
C ALA A 131 18.66 -3.57 7.04
N LEU A 132 19.67 -2.71 7.09
CA LEU A 132 20.75 -2.87 8.04
C LEU A 132 20.55 -1.84 9.15
N THR A 133 20.35 -2.32 10.37
CA THR A 133 20.14 -1.39 11.47
C THR A 133 21.44 -1.10 12.19
N HIS A 134 21.53 0.07 12.82
CA HIS A 134 22.61 0.34 13.77
C HIS A 134 22.31 -0.13 15.18
N TYR A 135 21.23 -0.91 15.34
CA TYR A 135 20.90 -1.50 16.64
C TYR A 135 20.54 -0.38 17.62
N ALA A 136 19.79 0.59 17.14
CA ALA A 136 19.42 1.77 17.92
C ALA A 136 18.06 2.24 17.43
N ALA A 137 17.30 2.87 18.31
CA ALA A 137 15.96 3.35 17.97
C ALA A 137 15.90 4.87 18.06
N GLN A 138 14.87 5.45 17.46
CA GLN A 138 14.58 6.87 17.62
C GLN A 138 13.19 7.00 18.23
N PRO A 139 13.07 7.74 19.34
CA PRO A 139 14.12 8.45 20.07
C PRO A 139 14.98 7.50 20.87
N GLY A 140 16.23 7.89 21.13
CA GLY A 140 17.17 7.01 21.79
C GLY A 140 18.46 7.76 22.09
N GLY A 141 19.40 7.07 22.72
CA GLY A 141 20.65 7.69 23.14
C GLY A 141 21.88 7.23 22.39
N TYR A 142 21.69 6.50 21.30
CA TYR A 142 22.82 5.96 20.54
C TYR A 142 22.92 6.48 19.10
N TYR A 143 22.61 7.75 18.91
CA TYR A 143 22.66 8.37 17.58
C TYR A 143 24.08 8.50 17.06
N ASN A 144 25.03 8.71 17.97
CA ASN A 144 26.42 8.91 17.58
C ASN A 144 26.99 7.65 16.90
N GLY A 145 27.34 7.76 15.62
CA GLY A 145 27.85 6.64 14.85
C GLY A 145 26.86 6.10 13.82
N THR A 146 25.62 6.59 13.83
CA THR A 146 24.61 6.08 12.90
C THR A 146 24.79 6.62 11.49
N ARG A 147 25.67 7.60 11.32
CA ARG A 147 26.01 8.07 9.98
C ARG A 147 27.16 7.25 9.35
N GLY A 148 27.82 6.41 10.16
CA GLY A 148 28.87 5.52 9.66
C GLY A 148 28.30 4.27 8.98
N ASP A 149 29.16 3.54 8.25
CA ASP A 149 28.68 2.36 7.52
C ASP A 149 28.95 1.03 8.20
N ARG A 150 30.12 0.88 8.83
CA ARG A 150 30.51 -0.42 9.33
C ARG A 150 30.89 -0.35 10.81
N ASN A 151 30.33 -1.26 11.60
CA ASN A 151 30.71 -1.40 13.00
C ASN A 151 30.25 -2.75 13.52
N LYS A 152 30.58 -3.04 14.77
CA LYS A 152 30.30 -4.35 15.35
C LYS A 152 28.84 -4.56 15.76
N LEU A 153 28.02 -3.52 15.62
CA LEU A 153 26.62 -3.62 16.04
C LEU A 153 25.63 -3.79 14.90
N ARG A 154 26.03 -3.46 13.67
CA ARG A 154 25.08 -3.50 12.56
C ARG A 154 24.56 -4.90 12.31
N HIS A 155 23.25 -5.00 12.09
CA HIS A 155 22.56 -6.26 11.85
C HIS A 155 21.62 -6.16 10.68
N LEU A 156 21.47 -7.25 9.97
CA LEU A 156 20.43 -7.38 8.97
C LEU A 156 19.12 -7.71 9.69
N ILE A 157 18.09 -6.90 9.45
CA ILE A 157 16.78 -7.15 10.04
C ILE A 157 15.71 -7.20 8.96
N SER A 158 14.52 -7.70 9.30
CA SER A 158 13.40 -7.64 8.38
C SER A 158 12.09 -7.56 9.12
N VAL A 159 11.07 -7.06 8.43
CA VAL A 159 9.67 -7.22 8.81
C VAL A 159 8.91 -7.61 7.55
N LYS A 160 7.68 -8.08 7.71
CA LYS A 160 6.79 -8.28 6.58
C LYS A 160 6.53 -6.91 5.95
N LEU A 161 6.58 -6.83 4.62
CA LEU A 161 6.38 -5.55 3.95
C LEU A 161 5.03 -4.97 4.31
N GLY A 162 4.99 -3.71 4.72
CA GLY A 162 3.76 -3.11 5.19
C GLY A 162 3.74 -2.91 6.70
N LYS A 163 4.63 -3.60 7.41
CA LYS A 163 4.76 -3.42 8.86
C LYS A 163 5.81 -2.34 9.10
N ILE A 164 5.64 -1.56 10.15
CA ILE A 164 6.66 -0.56 10.49
C ILE A 164 7.82 -1.23 11.25
N PRO A 165 9.06 -1.07 10.77
CA PRO A 165 10.18 -1.77 11.40
C PRO A 165 10.64 -1.14 12.72
N THR A 166 10.03 -1.62 13.80
CA THR A 166 10.32 -1.12 15.13
C THR A 166 11.13 -2.17 15.86
N VAL A 167 11.55 -1.81 17.07
CA VAL A 167 12.27 -2.70 17.96
C VAL A 167 11.55 -4.04 18.10
N GLU A 168 10.24 -3.97 18.34
CA GLU A 168 9.45 -5.18 18.57
C GLU A 168 8.93 -5.91 17.33
N ASN A 169 8.64 -5.18 16.24
CA ASN A 169 8.16 -5.83 15.01
C ASN A 169 9.26 -6.58 14.27
N SER A 170 10.50 -6.09 14.39
CA SER A 170 11.57 -6.58 13.53
C SER A 170 12.14 -7.91 14.03
N ILE A 171 12.75 -8.65 13.12
CA ILE A 171 13.52 -9.80 13.55
C ILE A 171 14.96 -9.57 13.11
N PHE A 172 15.89 -9.93 14.00
CA PHE A 172 17.31 -9.74 13.75
C PHE A 172 17.87 -11.07 13.21
N HIS A 173 18.29 -11.05 11.96
CA HIS A 173 18.76 -12.26 11.28
C HIS A 173 20.21 -12.61 11.55
N MET A 174 21.08 -11.61 11.50
CA MET A 174 22.51 -11.85 11.65
C MET A 174 23.27 -10.55 11.73
N ALA A 175 24.43 -10.59 12.38
CA ALA A 175 25.34 -9.44 12.34
C ALA A 175 25.79 -9.22 10.90
N ALA A 176 25.71 -7.97 10.45
CA ALA A 176 25.98 -7.65 9.04
C ALA A 176 26.06 -6.15 8.82
N TRP A 177 27.08 -5.71 8.09
CA TRP A 177 27.09 -4.33 7.61
C TRP A 177 26.96 -4.21 6.09
N SER A 178 26.68 -5.33 5.43
CA SER A 178 26.34 -5.36 4.01
C SER A 178 25.46 -6.60 3.87
N GLY A 179 24.41 -6.52 3.05
CA GLY A 179 23.43 -7.60 3.08
C GLY A 179 22.73 -7.91 1.77
N SER A 180 22.02 -9.04 1.78
CA SER A 180 21.17 -9.45 0.68
C SER A 180 20.26 -10.55 1.20
N ALA A 181 19.22 -10.90 0.43
CA ALA A 181 18.34 -12.02 0.78
C ALA A 181 17.47 -12.39 -0.41
N CYS A 182 16.99 -13.63 -0.43
CA CYS A 182 16.08 -14.06 -1.48
C CYS A 182 15.42 -15.38 -1.10
N HIS A 183 14.29 -15.64 -1.74
CA HIS A 183 13.54 -16.86 -1.50
C HIS A 183 13.63 -17.76 -2.74
N ASP A 184 13.90 -19.06 -2.55
CA ASP A 184 14.10 -19.94 -3.71
C ASP A 184 12.83 -20.72 -4.05
N GLY A 185 11.75 -20.42 -3.35
CA GLY A 185 10.50 -21.14 -3.52
C GLY A 185 10.23 -22.09 -2.35
N LYS A 186 11.28 -22.54 -1.68
CA LYS A 186 11.12 -23.39 -0.51
C LYS A 186 11.49 -22.68 0.80
N GLU A 187 12.51 -21.83 0.74
CA GLU A 187 13.06 -21.26 1.97
C GLU A 187 13.78 -19.93 1.68
N TRP A 188 13.90 -19.11 2.72
CA TRP A 188 14.67 -17.86 2.65
C TRP A 188 16.17 -18.13 2.80
N THR A 189 16.95 -17.46 1.95
CA THR A 189 18.40 -17.38 2.14
C THR A 189 18.70 -15.95 2.56
N TYR A 190 19.47 -15.79 3.63
CA TYR A 190 19.87 -14.47 4.11
C TYR A 190 21.39 -14.33 3.98
N ILE A 191 21.85 -13.17 3.53
CA ILE A 191 23.27 -12.93 3.32
C ILE A 191 23.72 -11.72 4.13
N GLY A 192 24.79 -11.88 4.91
CA GLY A 192 25.32 -10.78 5.71
C GLY A 192 26.84 -10.78 5.74
N VAL A 193 27.44 -9.63 5.45
CA VAL A 193 28.88 -9.51 5.51
C VAL A 193 29.27 -8.72 6.77
N ASP A 194 30.16 -9.26 7.58
CA ASP A 194 30.73 -8.45 8.67
C ASP A 194 32.22 -8.75 8.83
N GLY A 195 32.83 -8.25 9.90
CA GLY A 195 34.24 -8.47 10.12
C GLY A 195 35.06 -7.21 9.87
N PRO A 196 36.36 -7.29 10.09
CA PRO A 196 37.25 -6.13 9.88
C PRO A 196 37.39 -5.79 8.39
N ASP A 197 37.68 -4.52 8.08
CA ASP A 197 37.80 -4.09 6.68
C ASP A 197 38.80 -4.91 5.87
N ASN A 198 39.90 -5.31 6.50
CA ASN A 198 40.96 -6.01 5.79
C ASN A 198 40.75 -7.51 5.70
N ASN A 199 39.63 -7.99 6.22
CA ASN A 199 39.41 -9.43 6.22
C ASN A 199 37.97 -9.76 6.51
N ALA A 200 37.05 -9.17 5.75
CA ALA A 200 35.64 -9.32 6.04
C ALA A 200 35.15 -10.70 5.59
N LEU A 201 33.92 -11.02 5.99
CA LEU A 201 33.42 -12.37 5.82
C LEU A 201 31.96 -12.35 5.42
N LEU A 202 31.64 -12.98 4.29
CA LEU A 202 30.25 -13.13 3.90
C LEU A 202 29.68 -14.36 4.59
N LYS A 203 28.51 -14.20 5.23
CA LYS A 203 27.88 -15.33 5.90
C LYS A 203 26.55 -15.63 5.24
N VAL A 204 26.22 -16.92 5.14
CA VAL A 204 24.99 -17.37 4.51
C VAL A 204 24.13 -18.08 5.54
N LYS A 205 22.84 -17.76 5.55
CA LYS A 205 21.92 -18.41 6.46
C LYS A 205 20.74 -18.94 5.62
N TYR A 206 20.34 -20.18 5.85
CA TYR A 206 19.20 -20.78 5.16
C TYR A 206 18.15 -21.06 6.21
N GLY A 207 17.03 -20.35 6.15
CA GLY A 207 16.06 -20.39 7.23
C GLY A 207 16.72 -19.93 8.52
N GLU A 208 16.70 -20.78 9.55
CA GLU A 208 17.29 -20.45 10.84
C GLU A 208 18.77 -20.82 10.94
N ALA A 209 19.27 -21.57 9.96
CA ALA A 209 20.58 -22.21 10.09
C ALA A 209 21.66 -21.42 9.37
N TYR A 210 22.76 -21.13 10.07
CA TYR A 210 23.97 -20.59 9.41
C TYR A 210 24.63 -21.74 8.67
N THR A 211 24.83 -21.57 7.37
CA THR A 211 25.20 -22.69 6.52
C THR A 211 26.54 -22.59 5.78
N ASP A 212 27.03 -21.37 5.53
CA ASP A 212 28.29 -21.24 4.78
C ASP A 212 28.91 -19.85 4.96
N THR A 213 30.17 -19.71 4.57
CA THR A 213 30.82 -18.40 4.53
C THR A 213 31.66 -18.30 3.28
N TYR A 214 32.03 -17.07 2.93
CA TYR A 214 32.96 -16.82 1.83
C TYR A 214 33.91 -15.69 2.26
N HIS A 215 35.20 -15.86 1.99
CA HIS A 215 36.23 -14.95 2.49
C HIS A 215 36.58 -13.81 1.55
N SER A 216 37.12 -12.74 2.12
CA SER A 216 37.63 -11.61 1.38
C SER A 216 38.73 -12.10 0.45
N TYR A 217 38.70 -11.69 -0.81
CA TYR A 217 39.75 -12.08 -1.76
C TYR A 217 40.66 -10.92 -2.16
N ALA A 218 40.31 -9.70 -1.74
CA ALA A 218 41.15 -8.55 -2.05
C ALA A 218 41.51 -7.80 -0.77
N ASN A 219 40.95 -8.24 0.35
CA ASN A 219 41.27 -7.66 1.67
C ASN A 219 40.98 -6.17 1.78
N LYS A 220 39.94 -5.73 1.09
CA LYS A 220 39.54 -4.34 1.09
C LYS A 220 38.00 -4.26 1.08
N ILE A 221 37.41 -4.56 2.23
CA ILE A 221 35.96 -4.44 2.42
C ILE A 221 35.15 -5.30 1.45
N LEU A 222 35.23 -6.63 1.64
CA LEU A 222 34.31 -7.53 0.96
C LEU A 222 32.89 -7.02 1.25
N ARG A 223 32.04 -7.00 0.24
CA ARG A 223 30.71 -6.43 0.40
C ARG A 223 29.78 -6.99 -0.66
N THR A 224 28.48 -6.82 -0.47
CA THR A 224 27.53 -7.44 -1.40
C THR A 224 26.49 -6.42 -1.93
N GLN A 225 25.33 -6.89 -2.36
CA GLN A 225 24.46 -6.10 -3.23
C GLN A 225 23.65 -4.99 -2.57
N GLU A 226 23.23 -5.22 -1.33
CA GLU A 226 22.20 -4.38 -0.67
C GLU A 226 20.87 -4.43 -1.39
N SER A 227 20.61 -5.53 -2.08
CA SER A 227 19.30 -5.79 -2.66
C SER A 227 19.12 -7.28 -2.86
N ALA A 228 17.95 -7.69 -3.33
CA ALA A 228 17.60 -9.10 -3.39
C ALA A 228 18.54 -9.89 -4.27
N CYS A 229 18.91 -11.10 -3.83
CA CYS A 229 19.58 -12.01 -4.73
C CYS A 229 18.51 -12.71 -5.59
N ASN A 230 18.94 -13.50 -6.56
CA ASN A 230 17.99 -14.06 -7.52
C ASN A 230 18.08 -15.57 -7.67
N CYS A 231 16.96 -16.25 -7.46
CA CYS A 231 16.94 -17.71 -7.46
C CYS A 231 16.18 -18.30 -8.63
N ILE A 232 16.74 -19.35 -9.21
CA ILE A 232 16.05 -20.06 -10.27
C ILE A 232 16.32 -21.54 -10.12
N GLY A 233 15.25 -22.34 -10.04
CA GLY A 233 15.39 -23.79 -9.93
C GLY A 233 16.19 -24.20 -8.69
N GLY A 234 16.16 -23.39 -7.65
CA GLY A 234 16.88 -23.69 -6.42
C GLY A 234 18.28 -23.11 -6.37
N ASN A 235 18.74 -22.55 -7.48
CA ASN A 235 20.06 -21.93 -7.54
C ASN A 235 19.96 -20.41 -7.38
N CYS A 236 20.61 -19.87 -6.34
CA CYS A 236 20.53 -18.45 -6.06
C CYS A 236 21.84 -17.76 -6.40
N TYR A 237 21.75 -16.69 -7.20
CA TYR A 237 22.95 -16.00 -7.68
C TYR A 237 23.09 -14.65 -6.97
N LEU A 238 24.33 -14.36 -6.58
CA LEU A 238 24.60 -13.21 -5.74
C LEU A 238 25.89 -12.51 -6.18
N MET A 239 25.84 -11.18 -6.34
CA MET A 239 27.08 -10.43 -6.57
C MET A 239 27.79 -10.12 -5.28
N ILE A 240 29.12 -10.28 -5.29
CA ILE A 240 29.96 -9.77 -4.20
C ILE A 240 31.09 -8.98 -4.83
N THR A 241 31.69 -8.08 -4.06
CA THR A 241 32.86 -7.40 -4.57
C THR A 241 33.83 -7.11 -3.43
N ASP A 242 35.05 -6.69 -3.78
CA ASP A 242 36.10 -6.51 -2.81
C ASP A 242 37.17 -5.64 -3.49
N GLY A 243 37.64 -4.62 -2.79
CA GLY A 243 38.65 -3.73 -3.37
C GLY A 243 38.38 -2.29 -3.00
N SER A 244 39.33 -1.41 -3.35
CA SER A 244 39.22 0.00 -2.98
C SER A 244 38.01 0.69 -3.57
N ALA A 245 37.32 1.48 -2.74
CA ALA A 245 36.18 2.26 -3.23
C ALA A 245 36.61 3.34 -4.23
N SER A 246 37.90 3.66 -4.25
CA SER A 246 38.41 4.70 -5.15
C SER A 246 39.40 4.12 -6.14
N GLY A 247 39.33 2.80 -6.35
CA GLY A 247 40.26 2.13 -7.23
C GLY A 247 39.62 0.89 -7.81
N VAL A 248 40.40 -0.18 -7.95
CA VAL A 248 39.91 -1.42 -8.54
C VAL A 248 39.04 -2.23 -7.56
N SER A 249 37.83 -2.60 -8.00
CA SER A 249 36.98 -3.52 -7.23
C SER A 249 36.36 -4.54 -8.19
N GLU A 250 37.05 -5.65 -8.42
CA GLU A 250 36.55 -6.65 -9.35
C GLU A 250 35.54 -7.57 -8.67
N CYS A 251 34.29 -7.53 -9.11
CA CYS A 251 33.25 -8.35 -8.48
C CYS A 251 33.33 -9.82 -8.90
N ARG A 252 32.63 -10.68 -8.16
CA ARG A 252 32.42 -12.08 -8.54
C ARG A 252 30.98 -12.39 -8.27
N PHE A 253 30.51 -13.52 -8.81
CA PHE A 253 29.18 -14.00 -8.44
C PHE A 253 29.28 -15.34 -7.75
N LEU A 254 28.44 -15.52 -6.74
CA LEU A 254 28.35 -16.79 -6.05
C LEU A 254 27.07 -17.48 -6.48
N LYS A 255 27.17 -18.78 -6.73
CA LYS A 255 26.00 -19.59 -6.97
C LYS A 255 25.77 -20.36 -5.67
N ILE A 256 24.58 -20.23 -5.10
CA ILE A 256 24.29 -20.75 -3.78
C ILE A 256 23.05 -21.64 -3.85
N ARG A 257 23.12 -22.83 -3.28
CA ARG A 257 21.99 -23.75 -3.32
C ARG A 257 21.74 -24.29 -1.93
N GLU A 258 20.52 -24.04 -1.43
CA GLU A 258 20.13 -24.46 -0.10
C GLU A 258 21.14 -23.99 0.95
N GLY A 259 21.57 -22.74 0.79
CA GLY A 259 22.44 -22.09 1.75
C GLY A 259 23.93 -22.36 1.60
N ARG A 260 24.31 -23.17 0.63
CA ARG A 260 25.73 -23.50 0.45
C ARG A 260 26.26 -23.03 -0.90
N ILE A 261 27.43 -22.42 -0.88
CA ILE A 261 28.00 -21.88 -2.10
C ILE A 261 28.51 -23.03 -2.94
N ILE A 262 27.97 -23.18 -4.14
CA ILE A 262 28.37 -24.32 -4.96
C ILE A 262 29.23 -23.94 -6.16
N LYS A 263 29.38 -22.65 -6.41
CA LYS A 263 30.24 -22.22 -7.50
C LYS A 263 30.57 -20.74 -7.39
N GLU A 264 31.78 -20.38 -7.82
CA GLU A 264 32.17 -18.98 -7.97
C GLU A 264 32.18 -18.70 -9.46
N ILE A 265 31.69 -17.54 -9.85
CA ILE A 265 31.64 -17.17 -11.26
C ILE A 265 32.47 -15.91 -11.43
N PHE A 266 33.44 -15.96 -12.35
CA PHE A 266 34.35 -14.85 -12.59
C PHE A 266 34.02 -14.15 -13.90
N PRO A 267 33.47 -12.94 -13.82
CA PRO A 267 33.06 -12.20 -15.01
C PRO A 267 34.25 -11.81 -15.88
N THR A 268 33.99 -11.63 -17.17
CA THR A 268 34.99 -11.16 -18.09
C THR A 268 34.55 -9.80 -18.59
N GLY A 269 35.42 -9.16 -19.37
CA GLY A 269 35.06 -7.90 -19.99
C GLY A 269 35.56 -6.71 -19.19
N ARG A 270 34.68 -5.75 -18.97
CA ARG A 270 35.03 -4.51 -18.27
C ARG A 270 34.84 -4.76 -16.78
N VAL A 271 35.93 -5.12 -16.09
CA VAL A 271 35.80 -5.64 -14.73
C VAL A 271 36.42 -4.77 -13.63
N LYS A 272 37.04 -3.64 -14.00
CA LYS A 272 37.83 -2.90 -13.01
C LYS A 272 37.09 -2.31 -11.81
N HIS A 273 35.80 -2.05 -11.94
CA HIS A 273 35.03 -1.61 -10.76
C HIS A 273 33.55 -1.86 -10.89
N THR A 274 33.05 -2.79 -10.08
CA THR A 274 31.64 -3.12 -10.05
C THR A 274 31.21 -3.36 -8.61
N GLU A 275 30.25 -2.60 -8.11
CA GLU A 275 29.75 -2.86 -6.76
C GLU A 275 28.25 -2.60 -6.70
N GLU A 276 27.63 -3.04 -5.61
CA GLU A 276 26.21 -2.78 -5.36
C GLU A 276 25.31 -3.06 -6.56
N CYS A 277 25.51 -4.19 -7.21
CA CYS A 277 24.70 -4.55 -8.37
C CYS A 277 23.24 -4.72 -7.97
N THR A 278 22.37 -4.18 -8.80
CA THR A 278 20.94 -4.45 -8.70
C THR A 278 20.61 -5.42 -9.84
N CYS A 279 20.16 -6.62 -9.50
CA CYS A 279 20.09 -7.72 -10.46
C CYS A 279 18.68 -8.29 -10.61
N GLY A 280 18.39 -8.87 -11.77
CA GLY A 280 17.10 -9.47 -12.01
C GLY A 280 17.14 -10.36 -13.23
N PHE A 281 16.08 -11.14 -13.44
CA PHE A 281 16.02 -12.05 -14.58
C PHE A 281 15.51 -11.36 -15.84
N ALA A 282 16.29 -11.43 -16.91
CA ALA A 282 15.79 -11.02 -18.21
C ALA A 282 15.02 -12.18 -18.84
N SER A 283 15.29 -13.38 -18.38
CA SER A 283 14.65 -14.60 -18.90
C SER A 283 15.11 -15.78 -18.04
N ASN A 284 14.71 -16.99 -18.41
CA ASN A 284 15.20 -18.17 -17.72
C ASN A 284 16.69 -18.44 -17.97
N LYS A 285 17.26 -17.78 -18.97
CA LYS A 285 18.66 -18.03 -19.30
C LYS A 285 19.63 -16.97 -18.76
N THR A 286 19.11 -15.80 -18.44
CA THR A 286 19.98 -14.64 -18.25
C THR A 286 19.57 -13.78 -17.07
N ILE A 287 20.54 -13.51 -16.20
CA ILE A 287 20.38 -12.50 -15.17
C ILE A 287 21.13 -11.27 -15.66
N GLU A 288 20.53 -10.08 -15.50
CA GLU A 288 21.20 -8.83 -15.83
C GLU A 288 21.26 -7.97 -14.57
N CYS A 289 22.36 -7.23 -14.42
CA CYS A 289 22.53 -6.33 -13.28
C CYS A 289 22.97 -4.95 -13.74
N ALA A 290 22.46 -3.92 -13.08
CA ALA A 290 22.96 -2.56 -13.26
C ALA A 290 23.68 -2.18 -11.97
N CYS A 291 24.95 -1.81 -12.07
CA CYS A 291 25.79 -1.69 -10.89
C CYS A 291 26.35 -0.29 -10.70
N ARG A 292 27.20 -0.14 -9.69
CA ARG A 292 27.79 1.16 -9.37
C ARG A 292 29.31 1.09 -9.59
N ASP A 293 29.86 2.06 -10.32
CA ASP A 293 31.29 2.24 -10.37
C ASP A 293 31.60 3.47 -9.54
N ASN A 294 32.16 3.28 -8.35
CA ASN A 294 32.43 4.38 -7.42
C ASN A 294 33.71 5.14 -7.72
N SER A 295 34.43 4.73 -8.75
N SER A 295 34.44 4.71 -8.74
CA SER A 295 35.76 5.25 -9.02
CA SER A 295 35.76 5.26 -9.02
C SER A 295 35.95 5.91 -10.37
C SER A 295 35.86 5.96 -10.38
N TYR A 296 35.51 5.24 -11.43
CA TYR A 296 35.91 5.62 -12.78
C TYR A 296 34.90 6.29 -13.68
N THR A 297 33.62 6.07 -13.44
CA THR A 297 32.65 6.50 -14.43
C THR A 297 31.28 6.73 -13.82
N ALA A 298 30.47 7.52 -14.52
CA ALA A 298 29.08 7.75 -14.16
C ALA A 298 28.15 6.84 -14.96
N LYS A 299 28.72 6.11 -15.92
CA LYS A 299 27.95 5.05 -16.57
C LYS A 299 27.88 3.87 -15.61
N ARG A 300 26.78 3.13 -15.63
CA ARG A 300 26.69 1.93 -14.80
C ARG A 300 27.28 0.72 -15.52
N PRO A 301 28.20 -0.02 -14.85
CA PRO A 301 28.58 -1.34 -15.39
C PRO A 301 27.33 -2.21 -15.48
N PHE A 302 27.23 -2.98 -16.54
CA PHE A 302 26.02 -3.75 -16.81
C PHE A 302 26.43 -5.21 -17.00
N VAL A 303 25.96 -6.07 -16.11
CA VAL A 303 26.36 -7.47 -16.10
C VAL A 303 25.33 -8.29 -16.86
N LYS A 304 25.80 -9.18 -17.72
CA LYS A 304 24.93 -10.22 -18.27
C LYS A 304 25.50 -11.55 -17.79
N LEU A 305 24.71 -12.26 -16.99
CA LEU A 305 25.12 -13.53 -16.42
C LEU A 305 24.25 -14.65 -16.99
N ASN A 306 24.89 -15.58 -17.69
CA ASN A 306 24.20 -16.72 -18.31
C ASN A 306 24.10 -17.83 -17.27
N VAL A 307 22.88 -18.14 -16.83
CA VAL A 307 22.73 -19.12 -15.76
C VAL A 307 22.74 -20.56 -16.28
N GLU A 308 22.75 -20.73 -17.60
CA GLU A 308 22.84 -22.06 -18.18
C GLU A 308 24.28 -22.56 -18.26
N THR A 309 25.22 -21.63 -18.42
CA THR A 309 26.63 -21.98 -18.50
C THR A 309 27.41 -21.43 -17.31
N ASP A 310 26.71 -20.69 -16.43
CA ASP A 310 27.32 -20.08 -15.24
C ASP A 310 28.54 -19.21 -15.58
N THR A 311 28.34 -18.29 -16.52
CA THR A 311 29.41 -17.39 -16.94
C THR A 311 28.82 -15.99 -17.01
N ALA A 312 29.69 -14.98 -16.88
CA ALA A 312 29.23 -13.59 -16.89
C ALA A 312 30.18 -12.69 -17.62
N GLU A 313 29.63 -11.62 -18.20
CA GLU A 313 30.42 -10.61 -18.86
C GLU A 313 29.87 -9.24 -18.46
N ILE A 314 30.75 -8.24 -18.37
CA ILE A 314 30.34 -6.91 -17.93
C ILE A 314 30.85 -5.89 -18.94
N ARG A 315 29.99 -4.94 -19.32
CA ARG A 315 30.40 -3.79 -20.12
C ARG A 315 29.63 -2.59 -19.54
N LEU A 316 30.12 -1.38 -19.78
CA LEU A 316 29.37 -0.19 -19.36
C LEU A 316 28.09 -0.03 -20.17
N MET A 317 27.04 0.43 -19.51
CA MET A 317 25.83 0.86 -20.21
C MET A 317 26.19 1.99 -21.16
N CYS A 318 25.75 1.86 -22.40
CA CYS A 318 26.05 2.84 -23.43
C CYS A 318 25.08 4.03 -23.44
N THR A 319 23.94 3.93 -22.76
CA THR A 319 22.93 4.97 -22.89
C THR A 319 23.46 6.35 -22.50
N ASP A 320 23.08 7.36 -23.28
CA ASP A 320 23.34 8.76 -22.94
C ASP A 320 22.79 9.19 -21.58
N THR A 321 21.76 8.48 -21.12
CA THR A 321 21.09 8.80 -19.86
C THR A 321 21.86 8.16 -18.71
N TYR A 322 22.97 8.79 -18.31
CA TYR A 322 23.85 8.19 -17.30
C TYR A 322 23.11 8.05 -15.98
N LEU A 323 23.16 6.87 -15.38
CA LEU A 323 22.32 6.58 -14.24
C LEU A 323 22.98 6.78 -12.87
N ASP A 324 24.29 6.98 -12.83
CA ASP A 324 24.99 7.18 -11.55
C ASP A 324 24.80 8.60 -11.01
N THR A 325 25.16 8.79 -9.74
CA THR A 325 25.24 10.13 -9.15
C THR A 325 26.51 10.16 -8.32
N PRO A 326 27.41 11.13 -8.57
CA PRO A 326 27.29 12.21 -9.56
C PRO A 326 27.43 11.74 -11.02
N ARG A 327 27.17 12.66 -11.93
CA ARG A 327 27.23 12.38 -13.35
C ARG A 327 27.34 13.72 -14.09
N PRO A 328 27.94 13.70 -15.29
CA PRO A 328 27.95 14.90 -16.13
C PRO A 328 26.59 14.98 -16.85
N ASN A 329 26.42 16.00 -17.69
CA ASN A 329 25.21 16.14 -18.49
C ASN A 329 24.99 14.94 -19.41
N ASP A 330 23.73 14.57 -19.61
CA ASP A 330 23.37 13.46 -20.49
C ASP A 330 23.99 13.60 -21.87
N GLY A 331 24.59 12.51 -22.36
CA GLY A 331 25.18 12.50 -23.68
C GLY A 331 26.55 13.14 -23.79
N SER A 332 27.05 13.72 -22.69
CA SER A 332 28.27 14.51 -22.78
C SER A 332 29.55 13.68 -22.73
N ILE A 333 29.44 12.39 -22.43
CA ILE A 333 30.63 11.54 -22.46
C ILE A 333 30.93 11.15 -23.91
N THR A 334 31.93 11.79 -24.51
CA THR A 334 32.20 11.58 -25.92
C THR A 334 32.98 10.29 -26.14
N GLY A 335 32.91 9.78 -27.37
CA GLY A 335 33.62 8.58 -27.72
C GLY A 335 32.72 7.37 -27.69
N PRO A 336 33.30 6.18 -27.88
CA PRO A 336 32.59 4.91 -27.98
C PRO A 336 31.89 4.55 -26.67
N CYS A 337 31.08 3.51 -26.71
CA CYS A 337 30.31 3.08 -25.54
C CYS A 337 31.18 2.82 -24.30
N GLU A 338 32.40 2.35 -24.52
CA GLU A 338 33.27 2.00 -23.40
C GLU A 338 33.97 3.21 -22.74
N SER A 339 33.79 4.41 -23.29
CA SER A 339 34.44 5.60 -22.73
C SER A 339 34.00 5.87 -21.29
N ASN A 340 34.95 6.07 -20.40
CA ASN A 340 34.64 6.32 -18.99
C ASN A 340 34.14 7.74 -18.71
N GLY A 341 34.79 8.74 -19.31
CA GLY A 341 34.36 10.12 -19.16
C GLY A 341 34.65 10.73 -17.80
N ASP A 342 33.94 11.83 -17.48
CA ASP A 342 34.21 12.63 -16.29
C ASP A 342 33.15 12.50 -15.19
N LYS A 343 33.47 13.07 -14.02
CA LYS A 343 32.62 12.96 -12.82
C LYS A 343 32.34 11.52 -12.43
N GLY A 344 33.33 10.65 -12.60
CA GLY A 344 33.14 9.24 -12.34
C GLY A 344 33.30 8.83 -10.90
N SER A 345 34.07 9.61 -10.15
CA SER A 345 34.32 9.31 -8.75
C SER A 345 33.05 9.50 -7.92
N GLY A 346 32.78 8.59 -6.99
CA GLY A 346 31.52 8.62 -6.25
C GLY A 346 30.49 7.82 -7.01
N GLY A 347 29.31 7.67 -6.44
CA GLY A 347 28.32 6.81 -7.05
C GLY A 347 27.17 6.55 -6.11
N ILE A 348 26.24 5.73 -6.56
CA ILE A 348 25.05 5.44 -5.77
C ILE A 348 24.44 4.17 -6.33
N LYS A 349 23.86 3.35 -5.45
CA LYS A 349 23.21 2.13 -5.91
C LYS A 349 21.94 2.52 -6.65
N GLY A 350 21.68 1.89 -7.80
CA GLY A 350 20.59 2.30 -8.66
C GLY A 350 19.51 1.25 -8.86
N GLY A 351 18.27 1.71 -8.95
CA GLY A 351 17.14 0.84 -9.23
C GLY A 351 17.14 0.30 -10.64
N PHE A 352 16.72 -0.96 -10.80
CA PHE A 352 16.69 -1.63 -12.09
C PHE A 352 15.78 -2.82 -11.94
N VAL A 353 14.85 -2.99 -12.88
CA VAL A 353 13.95 -4.15 -12.82
C VAL A 353 13.43 -4.45 -14.23
N HIS A 354 13.18 -5.74 -14.49
CA HIS A 354 12.74 -6.17 -15.81
C HIS A 354 11.24 -6.31 -15.90
N GLN A 355 10.73 -5.99 -17.09
CA GLN A 355 9.35 -6.32 -17.44
C GLN A 355 9.43 -7.34 -18.58
N ARG A 356 9.24 -8.61 -18.26
CA ARG A 356 9.38 -9.69 -19.25
C ARG A 356 8.06 -9.95 -19.97
N MET A 357 8.08 -9.77 -21.29
CA MET A 357 6.89 -9.98 -22.09
C MET A 357 7.16 -11.09 -23.09
N GLU A 358 6.13 -11.55 -23.79
CA GLU A 358 6.30 -12.69 -24.70
C GLU A 358 7.42 -12.43 -25.72
N SER A 359 7.35 -11.30 -26.41
CA SER A 359 8.29 -11.03 -27.48
C SER A 359 9.16 -9.78 -27.26
N LYS A 360 9.11 -9.20 -26.07
CA LYS A 360 9.97 -8.05 -25.78
C LYS A 360 10.34 -7.97 -24.31
N ILE A 361 11.35 -7.16 -24.02
CA ILE A 361 11.85 -7.01 -22.66
CA ILE A 361 11.85 -7.00 -22.66
C ILE A 361 11.90 -5.52 -22.29
N GLY A 362 11.27 -5.18 -21.18
CA GLY A 362 11.31 -3.81 -20.68
C GLY A 362 12.37 -3.70 -19.60
N ARG A 363 13.19 -2.67 -19.68
CA ARG A 363 14.17 -2.41 -18.63
C ARG A 363 13.85 -1.05 -18.02
N TRP A 364 13.54 -1.08 -16.73
CA TRP A 364 13.14 0.12 -15.98
C TRP A 364 14.27 0.49 -15.05
N TYR A 365 14.59 1.78 -14.97
CA TYR A 365 15.72 2.23 -14.17
C TYR A 365 15.34 3.49 -13.39
N SER A 366 16.02 3.73 -12.28
CA SER A 366 15.80 4.98 -11.56
C SER A 366 17.14 5.70 -11.37
N ARG A 367 17.08 7.03 -11.29
CA ARG A 367 18.27 7.82 -10.96
C ARG A 367 17.83 9.10 -10.28
N THR A 368 18.73 9.71 -9.51
CA THR A 368 18.39 10.95 -8.80
C THR A 368 18.02 12.07 -9.77
N MET A 369 17.20 13.02 -9.31
CA MET A 369 16.88 14.19 -10.12
C MET A 369 18.09 15.13 -10.21
N SER A 370 18.81 15.26 -9.10
CA SER A 370 20.05 16.05 -9.10
C SER A 370 21.20 15.27 -9.76
N LYS A 371 22.02 15.97 -10.53
CA LYS A 371 23.18 15.33 -11.14
C LYS A 371 24.32 15.12 -10.14
N THR A 372 24.29 15.83 -9.02
CA THR A 372 25.42 15.77 -8.07
C THR A 372 25.04 15.39 -6.64
N GLU A 373 23.78 15.58 -6.26
CA GLU A 373 23.37 15.32 -4.89
C GLU A 373 22.34 14.20 -4.83
N ARG A 374 22.19 13.61 -3.65
CA ARG A 374 21.22 12.54 -3.48
C ARG A 374 19.85 13.13 -3.20
N MET A 375 19.33 13.82 -4.21
CA MET A 375 18.05 14.51 -4.09
C MET A 375 17.15 14.10 -5.26
N GLY A 376 15.93 13.70 -4.97
CA GLY A 376 14.98 13.33 -6.00
C GLY A 376 15.23 11.94 -6.58
N MET A 377 14.25 11.44 -7.32
CA MET A 377 14.39 10.15 -7.99
C MET A 377 13.43 10.09 -9.17
N GLY A 378 13.98 9.89 -10.36
CA GLY A 378 13.19 9.80 -11.58
C GLY A 378 13.23 8.38 -12.13
N LEU A 379 12.21 8.02 -12.90
CA LEU A 379 12.08 6.68 -13.45
C LEU A 379 12.26 6.74 -14.95
N TYR A 380 12.93 5.72 -15.51
CA TYR A 380 13.22 5.66 -16.93
C TYR A 380 12.98 4.25 -17.45
N VAL A 381 12.70 4.14 -18.73
CA VAL A 381 12.45 2.83 -19.33
C VAL A 381 12.96 2.76 -20.75
N LYS A 382 13.35 1.56 -21.17
CA LYS A 382 13.66 1.27 -22.56
C LYS A 382 13.31 -0.17 -22.85
N TYR A 383 12.62 -0.39 -23.97
CA TYR A 383 12.30 -1.75 -24.40
C TYR A 383 13.31 -2.27 -25.41
N ASP A 384 13.80 -3.49 -25.17
CA ASP A 384 14.65 -4.22 -26.12
C ASP A 384 16.01 -3.58 -26.34
N GLY A 385 16.70 -4.03 -27.38
CA GLY A 385 18.03 -3.52 -27.67
C GLY A 385 19.10 -4.14 -26.80
N ASP A 386 20.34 -3.69 -26.99
CA ASP A 386 21.48 -4.17 -26.21
C ASP A 386 21.98 -2.98 -25.42
N PRO A 387 21.83 -3.02 -24.08
CA PRO A 387 22.30 -1.94 -23.21
C PRO A 387 23.81 -1.67 -23.33
N TRP A 388 24.57 -2.64 -23.80
CA TRP A 388 26.00 -2.42 -24.04
C TRP A 388 26.29 -1.60 -25.29
N ALA A 389 25.35 -1.57 -26.23
CA ALA A 389 25.66 -0.97 -27.53
C ALA A 389 24.80 0.25 -27.89
N ASP A 390 23.67 0.42 -27.22
CA ASP A 390 22.72 1.47 -27.61
C ASP A 390 22.97 2.76 -26.84
N SER A 391 23.30 3.83 -27.55
CA SER A 391 23.56 5.12 -26.90
C SER A 391 22.27 5.90 -26.65
N ASP A 392 21.17 5.44 -27.26
CA ASP A 392 19.87 6.11 -27.14
C ASP A 392 19.49 6.47 -25.72
N ALA A 393 18.97 7.69 -25.54
CA ALA A 393 18.45 8.12 -24.26
C ALA A 393 17.32 7.20 -23.82
N LEU A 394 17.24 6.93 -22.51
CA LEU A 394 16.12 6.17 -21.96
C LEU A 394 14.91 7.11 -21.94
N ALA A 395 13.70 6.56 -22.04
CA ALA A 395 12.50 7.39 -22.00
C ALA A 395 12.17 7.80 -20.56
N PHE A 396 12.06 9.10 -20.32
CA PHE A 396 11.72 9.58 -18.99
C PHE A 396 10.29 9.20 -18.66
N SER A 397 10.09 8.52 -17.53
CA SER A 397 8.74 8.03 -17.21
C SER A 397 8.06 8.77 -16.08
N GLY A 398 8.80 9.57 -15.31
CA GLY A 398 8.17 10.37 -14.28
C GLY A 398 8.97 10.57 -13.02
N VAL A 399 8.54 11.55 -12.23
CA VAL A 399 9.18 11.87 -10.97
C VAL A 399 8.59 11.05 -9.82
N MET A 400 9.39 10.17 -9.25
CA MET A 400 8.94 9.39 -8.09
C MET A 400 9.17 10.17 -6.79
N VAL A 401 10.27 10.91 -6.74
CA VAL A 401 10.62 11.74 -5.60
C VAL A 401 11.12 13.08 -6.13
N SER A 402 10.54 14.19 -5.69
CA SER A 402 10.94 15.48 -6.24
C SER A 402 12.33 15.86 -5.72
N MET A 403 12.94 16.86 -6.36
CA MET A 403 14.30 17.22 -6.01
C MET A 403 14.37 17.90 -4.64
N LYS A 404 13.21 18.25 -4.09
CA LYS A 404 13.15 18.79 -2.73
C LYS A 404 13.27 17.71 -1.65
N GLU A 405 13.13 16.44 -2.04
CA GLU A 405 13.18 15.33 -1.09
C GLU A 405 14.42 14.45 -1.31
N PRO A 406 14.87 13.73 -0.25
CA PRO A 406 16.06 12.89 -0.41
C PRO A 406 15.82 11.68 -1.29
N GLY A 407 16.79 11.37 -2.16
CA GLY A 407 16.73 10.18 -2.97
C GLY A 407 18.09 9.51 -2.91
N TRP A 408 18.17 8.41 -2.17
CA TRP A 408 19.44 7.74 -1.97
C TRP A 408 19.46 6.43 -2.74
N TYR A 409 19.73 5.30 -2.08
CA TYR A 409 19.81 4.04 -2.82
C TYR A 409 18.46 3.69 -3.43
N SER A 410 18.49 3.01 -4.58
CA SER A 410 17.25 2.44 -5.08
C SER A 410 17.51 1.03 -5.55
N PHE A 411 16.45 0.23 -5.67
CA PHE A 411 16.60 -1.19 -5.90
C PHE A 411 15.39 -1.74 -6.64
N GLY A 412 15.57 -2.86 -7.33
CA GLY A 412 14.45 -3.51 -7.99
C GLY A 412 14.03 -4.73 -7.19
N PHE A 413 12.77 -5.14 -7.38
CA PHE A 413 12.28 -6.39 -6.84
C PHE A 413 11.00 -6.76 -7.59
N GLU A 414 10.55 -7.99 -7.45
CA GLU A 414 9.33 -8.42 -8.13
C GLU A 414 8.40 -9.08 -7.13
N ILE A 415 7.12 -8.69 -7.17
CA ILE A 415 6.12 -9.36 -6.35
C ILE A 415 5.51 -10.50 -7.15
N LYS A 416 5.25 -11.63 -6.50
CA LYS A 416 4.64 -12.76 -7.21
C LYS A 416 3.11 -12.70 -7.10
N ASP A 417 2.45 -12.36 -8.20
CA ASP A 417 1.00 -12.46 -8.31
C ASP A 417 0.71 -13.95 -8.55
N LYS A 418 -0.55 -14.34 -8.67
CA LYS A 418 -0.88 -15.75 -8.77
C LYS A 418 -0.24 -16.44 -9.97
N LYS A 419 -0.24 -15.77 -11.12
CA LYS A 419 0.25 -16.39 -12.35
C LYS A 419 1.36 -15.58 -13.04
N CYS A 420 1.70 -14.42 -12.50
CA CYS A 420 2.70 -13.58 -13.14
C CYS A 420 3.46 -12.73 -12.10
N ASP A 421 4.52 -12.06 -12.55
CA ASP A 421 5.39 -11.32 -11.64
C ASP A 421 5.19 -9.82 -11.83
N VAL A 422 5.20 -9.07 -10.73
CA VAL A 422 5.00 -7.61 -10.80
C VAL A 422 6.31 -6.89 -10.50
N PRO A 423 6.87 -6.20 -11.49
CA PRO A 423 8.13 -5.49 -11.24
C PRO A 423 7.92 -4.20 -10.46
N CYS A 424 8.80 -3.94 -9.49
CA CYS A 424 8.72 -2.75 -8.68
C CYS A 424 10.10 -2.16 -8.48
N ILE A 425 10.12 -0.88 -8.14
CA ILE A 425 11.34 -0.21 -7.73
C ILE A 425 11.13 0.43 -6.37
N GLY A 426 12.08 0.22 -5.47
CA GLY A 426 12.04 0.81 -4.14
C GLY A 426 13.09 1.89 -4.03
N ILE A 427 12.82 2.89 -3.20
CA ILE A 427 13.69 4.05 -3.07
C ILE A 427 13.99 4.34 -1.60
N GLU A 428 15.26 4.34 -1.24
CA GLU A 428 15.68 4.73 0.11
C GLU A 428 15.64 6.26 0.23
N MET A 429 14.89 6.77 1.20
CA MET A 429 14.84 8.21 1.39
C MET A 429 15.46 8.55 2.73
N VAL A 430 16.74 8.91 2.70
CA VAL A 430 17.51 9.07 3.92
C VAL A 430 17.20 10.39 4.61
N HIS A 431 17.01 10.32 5.92
CA HIS A 431 16.90 11.50 6.76
C HIS A 431 18.31 11.87 7.19
N ASP A 432 18.88 12.90 6.57
CA ASP A 432 20.27 13.26 6.82
C ASP A 432 20.32 14.62 7.47
N GLY A 433 20.69 14.65 8.75
CA GLY A 433 20.85 15.92 9.45
C GLY A 433 22.28 16.16 9.86
N GLY A 434 23.20 15.37 9.29
CA GLY A 434 24.59 15.44 9.69
C GLY A 434 24.93 14.45 10.79
N LYS A 435 26.16 14.53 11.29
CA LYS A 435 26.68 13.53 12.24
C LYS A 435 26.30 13.80 13.69
N GLU A 436 25.77 15.00 13.95
CA GLU A 436 25.35 15.35 15.30
C GLU A 436 23.92 14.90 15.67
N THR A 437 23.27 14.14 14.79
CA THR A 437 21.92 13.67 15.08
C THR A 437 21.71 12.27 14.52
N TRP A 438 20.48 11.75 14.63
CA TRP A 438 20.22 10.43 14.08
C TRP A 438 20.25 10.44 12.54
N HIS A 439 20.47 9.27 11.96
CA HIS A 439 20.64 9.11 10.51
C HIS A 439 19.94 7.83 10.12
N SER A 440 18.82 7.94 9.42
CA SER A 440 18.04 6.76 9.06
C SER A 440 17.29 6.99 7.76
N ALA A 441 16.34 6.12 7.42
CA ALA A 441 15.70 6.21 6.11
C ALA A 441 14.25 5.75 6.07
N ALA A 442 13.49 6.31 5.14
CA ALA A 442 12.18 5.78 4.78
C ALA A 442 12.38 5.00 3.50
N THR A 443 11.38 4.21 3.12
CA THR A 443 11.42 3.43 1.88
C THR A 443 10.14 3.69 1.09
N ALA A 444 10.29 4.14 -0.16
CA ALA A 444 9.12 4.35 -1.02
C ALA A 444 9.08 3.26 -2.10
N ILE A 445 7.89 2.81 -2.46
CA ILE A 445 7.73 1.75 -3.44
C ILE A 445 6.86 2.19 -4.61
N TYR A 446 7.37 1.99 -5.83
CA TYR A 446 6.62 2.19 -7.07
C TYR A 446 6.58 0.86 -7.82
N CYS A 447 5.44 0.52 -8.41
CA CYS A 447 5.28 -0.76 -9.09
C CYS A 447 4.61 -0.58 -10.46
N LEU A 448 4.91 -1.47 -11.40
CA LEU A 448 4.18 -1.51 -12.65
C LEU A 448 2.70 -1.77 -12.35
N MET A 449 1.82 -0.91 -12.84
CA MET A 449 0.38 -1.11 -12.67
C MET A 449 -0.44 -0.23 -13.60
N GLY A 450 -1.29 -0.89 -14.39
CA GLY A 450 -2.17 -0.20 -15.31
C GLY A 450 -1.40 0.46 -16.44
N SER A 451 -2.05 1.43 -17.07
CA SER A 451 -1.48 2.11 -18.23
C SER A 451 -1.53 3.61 -17.99
N GLY A 452 -1.08 4.39 -18.98
CA GLY A 452 -1.08 5.83 -18.87
C GLY A 452 0.28 6.32 -18.40
N GLN A 453 0.27 7.27 -17.48
CA GLN A 453 1.52 7.87 -17.00
C GLN A 453 1.60 7.88 -15.48
N LEU A 454 2.83 7.91 -14.97
CA LEU A 454 3.09 7.97 -13.54
C LEU A 454 2.53 9.29 -12.99
N LEU A 455 1.77 9.22 -11.90
CA LEU A 455 0.95 10.38 -11.47
C LEU A 455 1.34 11.13 -10.19
N TRP A 456 1.95 10.46 -9.22
CA TRP A 456 2.26 11.17 -7.96
C TRP A 456 3.61 10.80 -7.39
N ASP A 457 4.20 11.77 -6.68
CA ASP A 457 5.52 11.62 -6.10
C ASP A 457 5.38 11.33 -4.61
N THR A 458 6.50 11.01 -3.96
CA THR A 458 6.50 10.61 -2.56
C THR A 458 7.30 11.57 -1.68
N VAL A 459 6.74 11.92 -0.53
CA VAL A 459 7.48 12.67 0.51
C VAL A 459 7.57 11.80 1.78
N THR A 460 8.59 12.03 2.61
CA THR A 460 8.70 11.21 3.82
C THR A 460 7.77 11.73 4.92
N GLY A 461 7.49 13.03 4.88
CA GLY A 461 6.69 13.69 5.90
C GLY A 461 7.40 13.92 7.23
N VAL A 462 8.70 13.64 7.28
CA VAL A 462 9.43 13.66 8.54
C VAL A 462 10.15 14.98 8.82
N ASP A 463 9.89 15.55 10.00
CA ASP A 463 10.61 16.72 10.49
C ASP A 463 11.69 16.24 11.47
N MET A 464 12.95 16.33 11.07
CA MET A 464 14.02 15.77 11.90
C MET A 464 14.23 16.43 13.25
N ALA A 465 13.68 17.62 13.44
CA ALA A 465 13.78 18.33 14.73
C ALA A 465 12.89 17.72 15.82
N LEU A 466 11.94 16.88 15.44
CA LEU A 466 10.94 16.41 16.40
C LEU A 466 11.38 15.20 17.22
N GLU B 77 -8.88 -26.82 -0.66
CA GLU B 77 -8.68 -25.53 -1.32
C GLU B 77 -9.89 -24.62 -1.14
N PRO B 78 -9.64 -23.30 -0.98
CA PRO B 78 -10.72 -22.34 -0.80
C PRO B 78 -11.53 -22.14 -2.08
N GLU B 79 -12.83 -21.93 -1.92
CA GLU B 79 -13.72 -21.72 -3.05
C GLU B 79 -14.21 -20.28 -3.04
N TRP B 80 -14.79 -19.85 -4.17
CA TRP B 80 -15.40 -18.52 -4.23
C TRP B 80 -16.53 -18.48 -3.23
N THR B 81 -16.71 -17.34 -2.57
CA THR B 81 -17.84 -17.20 -1.66
C THR B 81 -19.03 -16.54 -2.36
N TYR B 82 -20.22 -16.77 -1.80
CA TYR B 82 -21.48 -16.20 -2.29
C TYR B 82 -22.24 -15.69 -1.06
N PRO B 83 -23.16 -14.73 -1.26
CA PRO B 83 -23.98 -14.35 -0.10
C PRO B 83 -24.86 -15.53 0.33
N ARG B 84 -25.01 -15.73 1.64
CA ARG B 84 -25.82 -16.81 2.17
C ARG B 84 -27.03 -16.23 2.93
N LEU B 85 -27.97 -17.08 3.34
CA LEU B 85 -29.04 -16.61 4.21
C LEU B 85 -28.44 -16.01 5.46
N SER B 86 -29.09 -15.00 6.02
CA SER B 86 -28.61 -14.39 7.24
C SER B 86 -28.92 -15.30 8.43
N CYS B 87 -28.13 -15.19 9.48
CA CYS B 87 -28.37 -15.90 10.72
C CYS B 87 -29.71 -15.41 11.32
N PRO B 88 -30.37 -16.27 12.11
CA PRO B 88 -31.65 -15.89 12.76
C PRO B 88 -31.47 -14.67 13.66
N GLY B 89 -32.50 -13.84 13.77
CA GLY B 89 -32.40 -12.67 14.64
C GLY B 89 -33.39 -11.62 14.20
N SER B 90 -33.77 -10.73 15.10
CA SER B 90 -34.76 -9.71 14.77
C SER B 90 -34.44 -8.32 15.31
N THR B 91 -33.33 -8.19 16.02
CA THR B 91 -32.90 -6.90 16.54
C THR B 91 -31.37 -6.80 16.46
N PHE B 92 -30.84 -5.59 16.35
CA PHE B 92 -29.41 -5.37 16.50
C PHE B 92 -29.10 -5.10 17.96
N GLN B 93 -27.87 -5.37 18.37
CA GLN B 93 -27.41 -5.06 19.73
C GLN B 93 -25.98 -4.57 19.66
N LYS B 94 -25.56 -3.85 20.70
CA LYS B 94 -24.20 -3.37 20.80
C LYS B 94 -23.22 -4.54 20.86
N ALA B 95 -22.25 -4.56 19.96
CA ALA B 95 -21.32 -5.68 19.91
C ALA B 95 -19.94 -5.32 20.45
N LEU B 96 -19.34 -4.27 19.91
CA LEU B 96 -17.92 -4.02 20.14
C LEU B 96 -17.58 -2.56 19.90
N LEU B 97 -16.73 -2.00 20.76
CA LEU B 97 -16.17 -0.67 20.55
C LEU B 97 -14.67 -0.76 20.33
N ILE B 98 -14.18 -0.14 19.27
CA ILE B 98 -12.74 0.00 19.05
C ILE B 98 -12.42 1.48 19.21
N SER B 99 -11.84 1.83 20.35
CA SER B 99 -11.60 3.23 20.71
C SER B 99 -10.12 3.44 21.03
N PRO B 100 -9.30 3.53 19.98
CA PRO B 100 -7.84 3.53 20.15
C PRO B 100 -7.37 4.71 20.99
N HIS B 101 -8.09 5.82 20.92
CA HIS B 101 -7.63 7.04 21.60
C HIS B 101 -7.87 7.05 23.11
N ARG B 102 -8.55 6.02 23.62
CA ARG B 102 -8.53 5.76 25.06
C ARG B 102 -7.10 5.50 25.55
N PHE B 103 -6.16 5.26 24.65
CA PHE B 103 -4.79 4.98 25.04
C PHE B 103 -3.81 6.01 24.51
N GLY B 104 -4.34 7.12 24.00
CA GLY B 104 -3.49 8.15 23.41
C GLY B 104 -3.09 9.31 24.32
N GLU B 105 -3.19 9.15 25.63
CA GLU B 105 -2.84 10.23 26.54
C GLU B 105 -1.33 10.51 26.55
N THR B 106 -0.95 11.76 26.80
CA THR B 106 0.46 12.06 26.98
C THR B 106 1.02 11.34 28.20
N LYS B 107 0.16 11.05 29.19
CA LYS B 107 0.54 10.24 30.35
C LYS B 107 0.74 8.75 30.04
N GLY B 108 0.32 8.33 28.84
CA GLY B 108 0.35 6.93 28.48
C GLY B 108 1.60 6.51 27.72
N ASN B 109 1.60 5.28 27.23
CA ASN B 109 2.76 4.73 26.55
C ASN B 109 2.35 4.05 25.25
N SER B 110 1.22 4.46 24.69
CA SER B 110 0.74 3.82 23.47
C SER B 110 0.79 4.74 22.25
N ALA B 111 0.56 4.15 21.09
CA ALA B 111 0.65 4.87 19.83
C ALA B 111 -0.51 4.54 18.90
N PRO B 112 -1.76 4.86 19.31
CA PRO B 112 -2.87 4.65 18.38
C PRO B 112 -2.68 5.54 17.14
N LEU B 113 -3.00 5.00 15.97
CA LEU B 113 -2.85 5.75 14.72
C LEU B 113 -3.99 6.73 14.57
N ILE B 114 -3.69 7.87 13.96
CA ILE B 114 -4.70 8.86 13.62
C ILE B 114 -5.35 8.45 12.30
N ILE B 115 -6.65 8.20 12.35
CA ILE B 115 -7.39 7.66 11.21
C ILE B 115 -8.74 8.35 11.01
N ARG B 116 -9.33 8.10 9.86
CA ARG B 116 -10.75 8.38 9.63
C ARG B 116 -11.22 7.41 8.58
N GLU B 117 -12.52 7.48 8.28
CA GLU B 117 -13.15 6.55 7.33
C GLU B 117 -12.86 5.07 7.62
N PRO B 118 -13.11 4.62 8.85
CA PRO B 118 -12.94 3.18 9.07
C PRO B 118 -14.03 2.40 8.35
N PHE B 119 -13.74 1.16 8.01
CA PHE B 119 -14.79 0.23 7.64
C PHE B 119 -14.32 -1.17 7.95
N ILE B 120 -15.22 -2.14 7.86
CA ILE B 120 -14.85 -3.52 8.15
C ILE B 120 -15.26 -4.39 6.98
N ALA B 121 -14.41 -5.38 6.64
CA ALA B 121 -14.74 -6.41 5.68
C ALA B 121 -14.30 -7.76 6.22
N CYS B 122 -15.09 -8.81 5.94
CA CYS B 122 -14.80 -10.12 6.51
C CYS B 122 -14.65 -11.16 5.41
N GLY B 123 -13.77 -12.14 5.64
CA GLY B 123 -13.67 -13.31 4.77
C GLY B 123 -14.19 -14.50 5.55
N PRO B 124 -13.92 -15.72 5.06
CA PRO B 124 -14.44 -16.91 5.74
C PRO B 124 -13.79 -17.15 7.11
N ASN B 125 -12.56 -16.66 7.31
CA ASN B 125 -11.83 -16.93 8.54
C ASN B 125 -11.63 -15.73 9.48
N GLU B 126 -11.61 -14.52 8.94
CA GLU B 126 -11.40 -13.36 9.81
C GLU B 126 -12.02 -12.08 9.28
N CYS B 127 -12.30 -11.15 10.18
CA CYS B 127 -12.71 -9.80 9.80
C CYS B 127 -11.51 -8.86 9.94
N LYS B 128 -11.37 -7.95 8.99
CA LYS B 128 -10.35 -6.93 9.05
C LYS B 128 -10.98 -5.56 9.25
N HIS B 129 -10.36 -4.78 10.11
CA HIS B 129 -10.79 -3.43 10.40
C HIS B 129 -9.87 -2.48 9.65
N PHE B 130 -10.39 -1.84 8.61
CA PHE B 130 -9.63 -0.95 7.75
C PHE B 130 -9.85 0.50 8.16
N ALA B 131 -8.90 1.38 7.82
CA ALA B 131 -9.09 2.82 7.95
C ALA B 131 -8.07 3.53 7.08
N LEU B 132 -8.24 4.84 6.95
CA LEU B 132 -7.27 5.65 6.23
C LEU B 132 -6.52 6.46 7.25
N THR B 133 -5.21 6.21 7.39
CA THR B 133 -4.45 6.92 8.39
C THR B 133 -3.80 8.15 7.79
N HIS B 134 -3.56 9.17 8.62
CA HIS B 134 -2.70 10.28 8.22
C HIS B 134 -1.22 10.00 8.47
N TYR B 135 -0.89 8.73 8.77
CA TYR B 135 0.50 8.32 8.98
C TYR B 135 1.11 9.04 10.17
N ALA B 136 0.31 9.14 11.24
CA ALA B 136 0.68 9.89 12.43
C ALA B 136 0.04 9.23 13.64
N ALA B 137 0.70 9.31 14.79
CA ALA B 137 0.14 8.71 16.00
C ALA B 137 -0.21 9.77 17.04
N GLN B 138 -1.05 9.40 18.01
CA GLN B 138 -1.33 10.25 19.17
C GLN B 138 -0.85 9.49 20.41
N PRO B 139 -0.01 10.12 21.25
CA PRO B 139 0.53 11.47 21.10
C PRO B 139 1.63 11.49 20.04
N GLY B 140 1.82 12.66 19.44
CA GLY B 140 2.81 12.82 18.40
C GLY B 140 2.90 14.28 17.98
N GLY B 141 3.71 14.57 16.96
CA GLY B 141 3.95 15.94 16.56
C GLY B 141 3.41 16.31 15.18
N TYR B 142 2.63 15.42 14.57
CA TYR B 142 2.11 15.68 13.22
C TYR B 142 0.59 15.85 13.15
N TYR B 143 0.03 16.57 14.12
CA TYR B 143 -1.42 16.75 14.20
C TYR B 143 -1.91 17.69 13.10
N ASN B 144 -1.06 18.65 12.74
CA ASN B 144 -1.42 19.64 11.74
C ASN B 144 -1.65 18.98 10.39
N GLY B 145 -2.88 19.07 9.89
CA GLY B 145 -3.24 18.47 8.62
C GLY B 145 -4.15 17.27 8.77
N THR B 146 -4.32 16.79 10.01
CA THR B 146 -5.12 15.58 10.22
C THR B 146 -6.62 15.83 10.08
N ARG B 147 -7.01 17.09 9.99
CA ARG B 147 -8.41 17.40 9.73
C ARG B 147 -8.70 17.39 8.22
N GLY B 148 -7.66 17.37 7.41
CA GLY B 148 -7.80 17.32 5.95
C GLY B 148 -8.11 15.92 5.43
N ASP B 149 -8.48 15.82 4.16
CA ASP B 149 -8.87 14.53 3.59
C ASP B 149 -7.77 13.92 2.74
N ARG B 150 -7.16 14.72 1.88
CA ARG B 150 -6.25 14.19 0.89
C ARG B 150 -4.87 14.82 1.01
N ASN B 151 -3.85 13.96 1.07
CA ASN B 151 -2.47 14.39 1.01
C ASN B 151 -1.61 13.20 0.58
N LYS B 152 -0.31 13.41 0.45
CA LYS B 152 0.59 12.38 -0.07
C LYS B 152 0.99 11.34 0.97
N LEU B 153 0.50 11.50 2.20
CA LEU B 153 0.88 10.58 3.27
C LEU B 153 -0.21 9.58 3.62
N ARG B 154 -1.45 9.86 3.23
CA ARG B 154 -2.53 8.97 3.65
C ARG B 154 -2.41 7.58 3.08
N HIS B 155 -2.62 6.57 3.95
CA HIS B 155 -2.51 5.17 3.57
C HIS B 155 -3.72 4.38 4.06
N LEU B 156 -4.10 3.37 3.29
CA LEU B 156 -5.04 2.37 3.75
C LEU B 156 -4.32 1.38 4.67
N ILE B 157 -4.83 1.23 5.89
CA ILE B 157 -4.26 0.29 6.85
C ILE B 157 -5.32 -0.68 7.33
N SER B 158 -4.91 -1.77 7.96
CA SER B 158 -5.87 -2.63 8.66
C SER B 158 -5.24 -3.34 9.86
N VAL B 159 -6.12 -3.80 10.75
CA VAL B 159 -5.77 -4.76 11.79
C VAL B 159 -6.86 -5.80 11.77
N LYS B 160 -6.61 -6.94 12.41
CA LYS B 160 -7.66 -7.92 12.65
C LYS B 160 -8.69 -7.25 13.56
N LEU B 161 -9.98 -7.42 13.25
CA LEU B 161 -11.02 -6.76 14.05
C LEU B 161 -10.92 -7.21 15.50
N GLY B 162 -10.92 -6.27 16.43
CA GLY B 162 -10.73 -6.60 17.82
C GLY B 162 -9.35 -6.22 18.33
N LYS B 163 -8.43 -5.93 17.41
CA LYS B 163 -7.11 -5.42 17.78
C LYS B 163 -7.13 -3.89 17.74
N ILE B 164 -6.37 -3.24 18.61
CA ILE B 164 -6.30 -1.78 18.58
C ILE B 164 -5.31 -1.37 17.49
N PRO B 165 -5.73 -0.50 16.55
CA PRO B 165 -4.85 -0.09 15.44
C PRO B 165 -3.80 0.93 15.85
N THR B 166 -2.65 0.40 16.28
CA THR B 166 -1.54 1.22 16.69
C THR B 166 -0.49 1.15 15.60
N VAL B 167 0.56 1.93 15.74
CA VAL B 167 1.70 1.92 14.84
C VAL B 167 2.19 0.48 14.60
N GLU B 168 2.31 -0.30 15.67
CA GLU B 168 2.85 -1.64 15.54
C GLU B 168 1.87 -2.76 15.14
N ASN B 169 0.61 -2.65 15.56
CA ASN B 169 -0.37 -3.69 15.22
C ASN B 169 -0.79 -3.62 13.76
N SER B 170 -0.76 -2.42 13.20
CA SER B 170 -1.36 -2.19 11.90
C SER B 170 -0.47 -2.64 10.74
N ILE B 171 -1.08 -2.94 9.60
CA ILE B 171 -0.29 -3.15 8.41
C ILE B 171 -0.70 -2.10 7.37
N PHE B 172 0.29 -1.55 6.67
CA PHE B 172 0.05 -0.51 5.69
C PHE B 172 -0.07 -1.15 4.32
N HIS B 173 -1.25 -1.07 3.72
CA HIS B 173 -1.50 -1.75 2.46
C HIS B 173 -1.05 -0.98 1.23
N MET B 174 -1.38 0.32 1.20
CA MET B 174 -1.07 1.13 0.03
C MET B 174 -1.34 2.60 0.32
N ALA B 175 -0.67 3.48 -0.43
CA ALA B 175 -0.97 4.91 -0.35
C ALA B 175 -2.37 5.12 -0.89
N ALA B 176 -3.19 5.87 -0.14
CA ALA B 176 -4.60 6.02 -0.49
C ALA B 176 -5.25 7.08 0.35
N TRP B 177 -6.03 7.96 -0.28
CA TRP B 177 -6.91 8.84 0.49
C TRP B 177 -8.42 8.53 0.30
N SER B 178 -8.70 7.40 -0.35
CA SER B 178 -10.06 6.86 -0.47
C SER B 178 -9.88 5.36 -0.67
N GLY B 179 -10.70 4.54 -0.04
CA GLY B 179 -10.43 3.12 -0.06
C GLY B 179 -11.63 2.18 0.01
N SER B 180 -11.35 0.91 -0.23
CA SER B 180 -12.34 -0.16 -0.09
C SER B 180 -11.56 -1.46 -0.03
N ALA B 181 -12.23 -2.55 0.33
CA ALA B 181 -11.60 -3.87 0.33
C ALA B 181 -12.65 -4.94 0.49
N CYS B 182 -12.33 -6.15 0.05
CA CYS B 182 -13.25 -7.28 0.18
C CYS B 182 -12.53 -8.59 -0.06
N HIS B 183 -13.12 -9.68 0.43
CA HIS B 183 -12.54 -11.00 0.28
C HIS B 183 -13.41 -11.82 -0.66
N ASP B 184 -12.80 -12.52 -1.62
CA ASP B 184 -13.61 -13.21 -2.62
C ASP B 184 -13.77 -14.69 -2.31
N GLY B 185 -13.24 -15.12 -1.17
CA GLY B 185 -13.27 -16.52 -0.78
C GLY B 185 -11.88 -17.11 -0.88
N LYS B 186 -11.07 -16.56 -1.77
CA LYS B 186 -9.72 -17.05 -1.95
C LYS B 186 -8.67 -16.06 -1.45
N GLU B 187 -8.93 -14.77 -1.64
CA GLU B 187 -7.91 -13.76 -1.42
C GLU B 187 -8.54 -12.38 -1.20
N TRP B 188 -7.81 -11.51 -0.50
CA TRP B 188 -8.21 -10.13 -0.27
C TRP B 188 -7.95 -9.26 -1.49
N THR B 189 -8.90 -8.39 -1.79
CA THR B 189 -8.69 -7.34 -2.79
C THR B 189 -8.67 -6.03 -2.01
N TYR B 190 -7.65 -5.21 -2.24
CA TYR B 190 -7.55 -3.89 -1.59
C TYR B 190 -7.66 -2.80 -2.64
N ILE B 191 -8.42 -1.76 -2.33
CA ILE B 191 -8.61 -0.66 -3.28
C ILE B 191 -8.18 0.64 -2.63
N GLY B 192 -7.34 1.40 -3.33
CA GLY B 192 -6.93 2.71 -2.83
C GLY B 192 -6.81 3.74 -3.94
N VAL B 193 -7.39 4.92 -3.74
CA VAL B 193 -7.26 6.01 -4.68
C VAL B 193 -6.26 7.04 -4.14
N ASP B 194 -5.28 7.42 -4.94
CA ASP B 194 -4.46 8.57 -4.58
C ASP B 194 -4.14 9.39 -5.81
N GLY B 195 -3.22 10.34 -5.70
CA GLY B 195 -2.91 11.20 -6.82
C GLY B 195 -3.48 12.59 -6.63
N PRO B 196 -3.20 13.50 -7.56
CA PRO B 196 -3.71 14.87 -7.50
C PRO B 196 -5.22 14.92 -7.74
N ASP B 197 -5.89 15.96 -7.23
CA ASP B 197 -7.34 16.09 -7.36
C ASP B 197 -7.84 16.02 -8.82
N ASN B 198 -7.10 16.63 -9.73
CA ASN B 198 -7.57 16.70 -11.11
C ASN B 198 -7.20 15.48 -11.95
N ASN B 199 -6.52 14.51 -11.36
CA ASN B 199 -6.14 13.31 -12.11
C ASN B 199 -5.81 12.16 -11.18
N ALA B 200 -6.75 11.84 -10.30
CA ALA B 200 -6.52 10.83 -9.29
C ALA B 200 -6.55 9.43 -9.91
N LEU B 201 -6.09 8.45 -9.16
CA LEU B 201 -5.88 7.12 -9.71
C LEU B 201 -6.33 6.05 -8.71
N LEU B 202 -7.23 5.18 -9.15
CA LEU B 202 -7.66 4.07 -8.32
C LEU B 202 -6.68 2.92 -8.55
N LYS B 203 -6.17 2.34 -7.48
CA LYS B 203 -5.22 1.23 -7.57
C LYS B 203 -5.83 0.00 -6.96
N VAL B 204 -5.57 -1.15 -7.57
CA VAL B 204 -6.09 -2.43 -7.10
C VAL B 204 -4.95 -3.33 -6.66
N LYS B 205 -5.09 -3.94 -5.50
CA LYS B 205 -4.09 -4.88 -4.99
C LYS B 205 -4.78 -6.21 -4.65
N TYR B 206 -4.20 -7.32 -5.09
CA TYR B 206 -4.77 -8.64 -4.83
C TYR B 206 -3.76 -9.41 -4.01
N GLY B 207 -4.06 -9.63 -2.74
CA GLY B 207 -3.05 -10.15 -1.84
C GLY B 207 -1.92 -9.14 -1.74
N GLU B 208 -0.69 -9.59 -1.99
CA GLU B 208 0.48 -8.72 -1.90
C GLU B 208 0.76 -7.95 -3.19
N ALA B 209 0.09 -8.34 -4.26
CA ALA B 209 0.43 -7.87 -5.61
C ALA B 209 -0.42 -6.70 -6.08
N TYR B 210 0.23 -5.65 -6.59
CA TYR B 210 -0.50 -4.58 -7.25
C TYR B 210 -0.86 -5.05 -8.64
N THR B 211 -2.15 -5.00 -8.99
CA THR B 211 -2.61 -5.70 -10.19
C THR B 211 -3.27 -4.85 -11.27
N ASP B 212 -3.79 -3.68 -10.91
CA ASP B 212 -4.49 -2.86 -11.91
C ASP B 212 -4.72 -1.45 -11.42
N THR B 213 -5.11 -0.56 -12.34
CA THR B 213 -5.52 0.79 -11.98
C THR B 213 -6.70 1.24 -12.84
N TYR B 214 -7.41 2.27 -12.38
CA TYR B 214 -8.46 2.90 -13.16
C TYR B 214 -8.29 4.42 -13.07
N HIS B 215 -8.43 5.12 -14.20
CA HIS B 215 -8.14 6.55 -14.25
C HIS B 215 -9.36 7.44 -14.02
N SER B 216 -9.09 8.66 -13.60
CA SER B 216 -10.13 9.67 -13.40
C SER B 216 -10.82 9.95 -14.72
N TYR B 217 -12.15 10.00 -14.71
CA TYR B 217 -12.90 10.27 -15.95
C TYR B 217 -13.58 11.63 -15.97
N ALA B 218 -13.62 12.31 -14.81
CA ALA B 218 -14.16 13.67 -14.76
C ALA B 218 -13.14 14.68 -14.25
N ASN B 219 -11.96 14.18 -13.89
CA ASN B 219 -10.88 15.03 -13.39
C ASN B 219 -11.27 15.89 -12.19
N LYS B 220 -12.14 15.33 -11.35
CA LYS B 220 -12.61 16.04 -10.17
C LYS B 220 -12.69 15.08 -8.98
N ILE B 221 -11.53 14.70 -8.49
CA ILE B 221 -11.40 13.80 -7.34
C ILE B 221 -12.11 12.45 -7.51
N LEU B 222 -11.55 11.60 -8.35
CA LEU B 222 -11.98 10.21 -8.42
C LEU B 222 -11.92 9.65 -7.01
N ARG B 223 -12.95 8.91 -6.60
CA ARG B 223 -13.02 8.44 -5.23
C ARG B 223 -13.91 7.22 -5.14
N THR B 224 -13.83 6.48 -4.03
CA THR B 224 -14.56 5.24 -3.93
C THR B 224 -15.41 5.16 -2.65
N GLN B 225 -15.74 3.93 -2.23
CA GLN B 225 -16.83 3.72 -1.27
C GLN B 225 -16.57 4.09 0.19
N GLU B 226 -15.33 3.93 0.65
CA GLU B 226 -15.00 3.98 2.08
C GLU B 226 -15.73 2.90 2.86
N SER B 227 -16.03 1.78 2.19
CA SER B 227 -16.61 0.61 2.84
C SER B 227 -16.38 -0.62 1.97
N ALA B 228 -16.77 -1.78 2.46
CA ALA B 228 -16.42 -3.03 1.79
C ALA B 228 -16.99 -3.14 0.39
N CYS B 229 -16.20 -3.65 -0.55
CA CYS B 229 -16.74 -4.02 -1.84
C CYS B 229 -17.39 -5.39 -1.72
N ASN B 230 -18.01 -5.88 -2.80
CA ASN B 230 -18.82 -7.08 -2.70
C ASN B 230 -18.53 -8.12 -3.77
N CYS B 231 -18.16 -9.33 -3.34
CA CYS B 231 -17.72 -10.38 -4.25
C CYS B 231 -18.70 -11.52 -4.30
N ILE B 232 -18.93 -12.04 -5.50
CA ILE B 232 -19.77 -13.21 -5.67
C ILE B 232 -19.19 -14.07 -6.79
N GLY B 233 -18.92 -15.34 -6.48
CA GLY B 233 -18.36 -16.25 -7.45
C GLY B 233 -17.05 -15.74 -8.06
N GLY B 234 -16.31 -14.95 -7.30
CA GLY B 234 -15.01 -14.47 -7.76
C GLY B 234 -15.03 -13.09 -8.41
N ASN B 235 -16.21 -12.56 -8.65
CA ASN B 235 -16.37 -11.23 -9.24
C ASN B 235 -16.68 -10.23 -8.15
N CYS B 236 -15.82 -9.22 -8.01
CA CYS B 236 -16.02 -8.22 -6.97
C CYS B 236 -16.52 -6.93 -7.60
N TYR B 237 -17.56 -6.34 -7.01
CA TYR B 237 -18.21 -5.15 -7.55
C TYR B 237 -17.94 -3.95 -6.64
N LEU B 238 -17.58 -2.84 -7.25
CA LEU B 238 -17.10 -1.67 -6.51
C LEU B 238 -17.66 -0.39 -7.13
N MET B 239 -18.22 0.49 -6.32
CA MET B 239 -18.66 1.78 -6.82
C MET B 239 -17.47 2.74 -6.83
N ILE B 240 -17.36 3.52 -7.90
CA ILE B 240 -16.45 4.66 -7.92
C ILE B 240 -17.23 5.87 -8.39
N THR B 241 -16.74 7.06 -8.09
CA THR B 241 -17.36 8.25 -8.63
C THR B 241 -16.31 9.33 -8.87
N ASP B 242 -16.70 10.36 -9.62
CA ASP B 242 -15.75 11.40 -10.02
C ASP B 242 -16.62 12.58 -10.37
N GLY B 243 -16.23 13.78 -9.96
CA GLY B 243 -17.06 14.95 -10.21
C GLY B 243 -17.13 15.88 -9.02
N SER B 244 -17.67 17.08 -9.23
CA SER B 244 -17.72 18.09 -8.18
C SER B 244 -18.56 17.69 -6.98
N ALA B 245 -18.05 17.97 -5.79
CA ALA B 245 -18.79 17.70 -4.55
C ALA B 245 -20.04 18.56 -4.41
N SER B 246 -20.12 19.64 -5.18
CA SER B 246 -21.26 20.54 -5.10
C SER B 246 -21.98 20.60 -6.44
N GLY B 247 -21.73 19.61 -7.30
CA GLY B 247 -22.41 19.53 -8.58
C GLY B 247 -22.60 18.09 -9.01
N VAL B 248 -22.42 17.84 -10.30
CA VAL B 248 -22.61 16.50 -10.85
C VAL B 248 -21.46 15.55 -10.49
N SER B 249 -21.81 14.38 -9.96
N SER B 249 -21.81 14.37 -9.99
CA SER B 249 -20.86 13.31 -9.70
CA SER B 249 -20.85 13.33 -9.71
C SER B 249 -21.49 11.99 -10.12
C SER B 249 -21.46 11.98 -10.12
N GLU B 250 -21.28 11.62 -11.38
CA GLU B 250 -21.91 10.43 -11.95
C GLU B 250 -21.07 9.20 -11.66
N CYS B 251 -21.58 8.30 -10.84
CA CYS B 251 -20.80 7.13 -10.42
C CYS B 251 -20.75 6.04 -11.50
N ARG B 252 -19.84 5.09 -11.33
CA ARG B 252 -19.74 3.91 -12.17
C ARG B 252 -19.48 2.74 -11.26
N PHE B 253 -19.66 1.53 -11.77
CA PHE B 253 -19.28 0.35 -11.02
C PHE B 253 -18.20 -0.40 -11.78
N LEU B 254 -17.22 -0.88 -11.05
CA LEU B 254 -16.19 -1.72 -11.65
C LEU B 254 -16.45 -3.16 -11.23
N LYS B 255 -16.27 -4.07 -12.17
CA LYS B 255 -16.29 -5.50 -11.89
C LYS B 255 -14.85 -5.95 -11.94
N ILE B 256 -14.38 -6.52 -10.85
CA ILE B 256 -12.97 -6.86 -10.69
C ILE B 256 -12.86 -8.35 -10.37
N ARG B 257 -11.98 -9.05 -11.05
CA ARG B 257 -11.80 -10.48 -10.82
C ARG B 257 -10.32 -10.77 -10.64
N GLU B 258 -9.98 -11.36 -9.50
CA GLU B 258 -8.59 -11.63 -9.16
C GLU B 258 -7.71 -10.39 -9.37
N GLY B 259 -8.23 -9.24 -8.96
CA GLY B 259 -7.45 -8.02 -8.92
C GLY B 259 -7.42 -7.23 -10.22
N ARG B 260 -8.09 -7.74 -11.24
CA ARG B 260 -8.09 -7.06 -12.53
C ARG B 260 -9.49 -6.63 -12.93
N ILE B 261 -9.58 -5.40 -13.42
CA ILE B 261 -10.87 -4.83 -13.82
C ILE B 261 -11.29 -5.47 -15.14
N ILE B 262 -12.39 -6.20 -15.12
CA ILE B 262 -12.84 -6.88 -16.34
C ILE B 262 -14.06 -6.25 -16.99
N LYS B 263 -14.72 -5.32 -16.29
CA LYS B 263 -15.86 -4.63 -16.90
C LYS B 263 -16.17 -3.33 -16.18
N GLU B 264 -16.58 -2.32 -16.94
CA GLU B 264 -17.14 -1.10 -16.37
C GLU B 264 -18.65 -1.13 -16.57
N ILE B 265 -19.38 -0.75 -15.53
CA ILE B 265 -20.84 -0.72 -15.60
C ILE B 265 -21.32 0.72 -15.44
N PHE B 266 -22.10 1.19 -16.40
CA PHE B 266 -22.60 2.56 -16.39
C PHE B 266 -24.09 2.57 -16.02
N PRO B 267 -24.41 3.05 -14.81
CA PRO B 267 -25.78 3.02 -14.31
C PRO B 267 -26.71 3.92 -15.12
N THR B 268 -27.99 3.58 -15.13
CA THR B 268 -29.00 4.42 -15.76
C THR B 268 -29.91 4.97 -14.67
N GLY B 269 -30.80 5.88 -15.05
CA GLY B 269 -31.76 6.45 -14.13
C GLY B 269 -31.34 7.79 -13.56
N ARG B 270 -31.47 7.93 -12.24
CA ARG B 270 -31.17 9.18 -11.56
C ARG B 270 -29.70 9.18 -11.19
N VAL B 271 -28.86 9.75 -12.05
CA VAL B 271 -27.42 9.55 -11.93
C VAL B 271 -26.63 10.82 -11.64
N LYS B 272 -27.31 11.94 -11.49
CA LYS B 272 -26.64 13.24 -11.37
C LYS B 272 -25.66 13.35 -10.20
N HIS B 273 -25.92 12.71 -9.08
CA HIS B 273 -24.92 12.71 -7.99
C HIS B 273 -25.00 11.52 -7.06
N THR B 274 -23.98 10.66 -7.12
CA THR B 274 -23.94 9.47 -6.28
C THR B 274 -22.52 9.28 -5.78
N GLU B 275 -22.35 9.21 -4.47
CA GLU B 275 -21.01 8.94 -3.94
C GLU B 275 -21.07 8.19 -2.62
N GLU B 276 -19.93 7.64 -2.21
CA GLU B 276 -19.81 6.92 -0.93
C GLU B 276 -20.89 5.87 -0.75
N CYS B 277 -21.16 5.09 -1.80
CA CYS B 277 -22.18 4.05 -1.70
C CYS B 277 -21.82 3.01 -0.65
N THR B 278 -22.82 2.66 0.15
CA THR B 278 -22.70 1.53 1.05
C THR B 278 -23.52 0.40 0.43
N CYS B 279 -22.85 -0.69 0.04
CA CYS B 279 -23.45 -1.72 -0.81
C CYS B 279 -23.46 -3.12 -0.17
N GLY B 280 -24.41 -3.95 -0.56
CA GLY B 280 -24.46 -5.32 -0.07
C GLY B 280 -25.38 -6.15 -0.93
N PHE B 281 -25.38 -7.46 -0.73
CA PHE B 281 -26.21 -8.34 -1.53
C PHE B 281 -27.62 -8.46 -0.98
N ALA B 282 -28.60 -8.18 -1.84
CA ALA B 282 -29.98 -8.45 -1.51
C ALA B 282 -30.29 -9.93 -1.82
N SER B 283 -29.50 -10.51 -2.71
CA SER B 283 -29.66 -11.91 -3.13
C SER B 283 -28.46 -12.25 -4.00
N ASN B 284 -28.44 -13.47 -4.56
CA ASN B 284 -27.40 -13.85 -5.51
C ASN B 284 -27.46 -13.09 -6.84
N LYS B 285 -28.57 -12.41 -7.08
CA LYS B 285 -28.79 -11.75 -8.36
C LYS B 285 -28.57 -10.24 -8.27
N THR B 286 -28.68 -9.69 -7.07
CA THR B 286 -28.77 -8.23 -6.93
C THR B 286 -27.91 -7.68 -5.80
N ILE B 287 -27.13 -6.66 -6.14
CA ILE B 287 -26.47 -5.84 -5.13
C ILE B 287 -27.29 -4.56 -4.99
N GLU B 288 -27.53 -4.11 -3.76
CA GLU B 288 -28.17 -2.80 -3.56
C GLU B 288 -27.22 -1.89 -2.82
N CYS B 289 -27.24 -0.59 -3.13
CA CYS B 289 -26.43 0.40 -2.40
C CYS B 289 -27.25 1.60 -1.96
N ALA B 290 -26.96 2.10 -0.77
CA ALA B 290 -27.54 3.35 -0.30
C ALA B 290 -26.40 4.36 -0.27
N CYS B 291 -26.56 5.45 -1.00
CA CYS B 291 -25.44 6.35 -1.25
C CYS B 291 -25.69 7.76 -0.76
N ARG B 292 -24.77 8.66 -1.08
CA ARG B 292 -24.80 10.05 -0.63
C ARG B 292 -24.90 10.98 -1.83
N ASP B 293 -25.90 11.86 -1.82
CA ASP B 293 -25.94 12.98 -2.76
C ASP B 293 -25.49 14.24 -2.01
N ASN B 294 -24.32 14.74 -2.34
CA ASN B 294 -23.74 15.84 -1.59
C ASN B 294 -24.16 17.22 -2.06
N SER B 295 -24.98 17.27 -3.11
CA SER B 295 -25.38 18.57 -3.65
C SER B 295 -26.88 18.83 -3.76
N TYR B 296 -27.67 17.83 -4.12
CA TYR B 296 -29.06 18.12 -4.54
C TYR B 296 -30.16 17.68 -3.60
N THR B 297 -29.91 16.71 -2.72
CA THR B 297 -31.01 16.16 -1.94
C THR B 297 -30.53 15.51 -0.66
N ALA B 298 -31.45 15.40 0.30
CA ALA B 298 -31.22 14.66 1.54
C ALA B 298 -31.78 13.23 1.44
N LYS B 299 -32.48 12.91 0.35
CA LYS B 299 -32.84 11.53 0.09
C LYS B 299 -31.55 10.84 -0.35
N ARG B 300 -31.40 9.56 -0.04
CA ARG B 300 -30.23 8.83 -0.52
C ARG B 300 -30.51 8.21 -1.88
N PRO B 301 -29.59 8.43 -2.85
CA PRO B 301 -29.66 7.64 -4.08
C PRO B 301 -29.53 6.16 -3.73
N PHE B 302 -30.32 5.31 -4.41
CA PHE B 302 -30.37 3.89 -4.09
C PHE B 302 -30.10 3.11 -5.38
N VAL B 303 -29.01 2.35 -5.38
CA VAL B 303 -28.59 1.60 -6.57
C VAL B 303 -29.13 0.19 -6.51
N LYS B 304 -29.71 -0.29 -7.61
CA LYS B 304 -29.95 -1.73 -7.75
C LYS B 304 -29.06 -2.23 -8.88
N LEU B 305 -28.14 -3.13 -8.54
CA LEU B 305 -27.19 -3.66 -9.53
C LEU B 305 -27.44 -5.16 -9.75
N ASN B 306 -27.82 -5.52 -10.98
CA ASN B 306 -28.05 -6.91 -11.35
C ASN B 306 -26.73 -7.53 -11.77
N VAL B 307 -26.21 -8.45 -10.96
CA VAL B 307 -24.90 -9.02 -11.24
C VAL B 307 -24.94 -10.14 -12.25
N GLU B 308 -26.14 -10.51 -12.69
CA GLU B 308 -26.27 -11.53 -13.73
C GLU B 308 -26.22 -10.91 -15.13
N THR B 309 -26.75 -9.70 -15.27
CA THR B 309 -26.69 -8.97 -16.54
C THR B 309 -25.67 -7.84 -16.51
N ASP B 310 -25.06 -7.61 -15.33
CA ASP B 310 -24.11 -6.52 -15.13
C ASP B 310 -24.70 -5.18 -15.57
N THR B 311 -25.86 -4.86 -15.04
CA THR B 311 -26.51 -3.57 -15.31
C THR B 311 -26.95 -2.98 -13.99
N ALA B 312 -26.96 -1.65 -13.91
CA ALA B 312 -27.35 -0.97 -12.68
C ALA B 312 -28.29 0.19 -12.98
N GLU B 313 -29.22 0.41 -12.07
CA GLU B 313 -30.15 1.53 -12.15
C GLU B 313 -30.18 2.25 -10.81
N ILE B 314 -30.33 3.57 -10.85
CA ILE B 314 -30.34 4.37 -9.64
C ILE B 314 -31.57 5.24 -9.57
N ARG B 315 -32.26 5.23 -8.43
CA ARG B 315 -33.35 6.16 -8.13
C ARG B 315 -33.22 6.58 -6.67
N LEU B 316 -33.80 7.72 -6.32
CA LEU B 316 -33.78 8.18 -4.93
C LEU B 316 -34.66 7.29 -4.06
N MET B 317 -34.23 7.01 -2.84
CA MET B 317 -35.09 6.40 -1.84
C MET B 317 -36.32 7.27 -1.63
N CYS B 318 -37.49 6.64 -1.69
CA CYS B 318 -38.73 7.37 -1.51
C CYS B 318 -39.16 7.57 -0.06
N THR B 319 -38.56 6.84 0.88
CA THR B 319 -39.07 6.89 2.27
C THR B 319 -39.07 8.31 2.86
N ASP B 320 -40.11 8.64 3.62
CA ASP B 320 -40.19 9.92 4.35
C ASP B 320 -39.05 10.07 5.35
N THR B 321 -38.43 8.96 5.73
CA THR B 321 -37.34 8.99 6.69
C THR B 321 -36.01 9.28 5.98
N TYR B 322 -35.77 10.54 5.61
CA TYR B 322 -34.58 10.89 4.82
C TYR B 322 -33.30 10.53 5.59
N LEU B 323 -32.39 9.80 4.95
CA LEU B 323 -31.28 9.24 5.69
C LEU B 323 -29.99 10.09 5.68
N ASP B 324 -29.95 11.13 4.87
CA ASP B 324 -28.75 11.97 4.80
C ASP B 324 -28.69 12.97 5.97
N THR B 325 -27.53 13.58 6.18
CA THR B 325 -27.37 14.73 7.08
C THR B 325 -26.53 15.76 6.33
N PRO B 326 -27.02 17.00 6.19
CA PRO B 326 -28.27 17.54 6.74
C PRO B 326 -29.52 17.05 6.01
N ARG B 327 -30.68 17.34 6.58
CA ARG B 327 -31.95 16.93 6.01
C ARG B 327 -33.06 17.81 6.56
N PRO B 328 -34.15 17.97 5.79
CA PRO B 328 -35.33 18.67 6.31
C PRO B 328 -36.15 17.72 7.19
N ASN B 329 -37.28 18.19 7.71
CA ASN B 329 -38.17 17.33 8.48
C ASN B 329 -38.60 16.14 7.65
N ASP B 330 -38.71 14.98 8.27
CA ASP B 330 -39.22 13.77 7.60
C ASP B 330 -40.56 14.05 6.93
N GLY B 331 -40.70 13.59 5.69
CA GLY B 331 -41.95 13.72 4.96
C GLY B 331 -42.21 15.09 4.36
N SER B 332 -41.32 16.06 4.58
CA SER B 332 -41.62 17.44 4.17
C SER B 332 -41.24 17.76 2.74
N ILE B 333 -40.51 16.86 2.07
CA ILE B 333 -40.20 17.06 0.67
C ILE B 333 -41.42 16.73 -0.18
N THR B 334 -42.04 17.75 -0.75
CA THR B 334 -43.28 17.57 -1.49
C THR B 334 -43.04 17.07 -2.91
N GLY B 335 -44.05 16.45 -3.49
CA GLY B 335 -43.97 15.99 -4.86
C GLY B 335 -43.68 14.51 -4.96
N PRO B 336 -43.49 14.01 -6.19
CA PRO B 336 -43.24 12.59 -6.46
C PRO B 336 -41.94 12.11 -5.81
N CYS B 337 -41.73 10.80 -5.82
CA CYS B 337 -40.56 10.17 -5.20
C CYS B 337 -39.24 10.78 -5.66
N GLU B 338 -39.20 11.27 -6.90
CA GLU B 338 -37.96 11.79 -7.45
C GLU B 338 -37.64 13.24 -7.03
N SER B 339 -38.55 13.90 -6.33
CA SER B 339 -38.31 15.30 -5.92
C SER B 339 -37.11 15.44 -4.99
N ASN B 340 -36.27 16.43 -5.27
CA ASN B 340 -35.06 16.65 -4.49
C ASN B 340 -35.29 17.32 -3.12
N GLY B 341 -36.10 18.37 -3.10
CA GLY B 341 -36.38 19.10 -1.87
C GLY B 341 -35.23 19.97 -1.39
N ASP B 342 -35.38 20.51 -0.17
CA ASP B 342 -34.42 21.45 0.41
C ASP B 342 -33.41 20.78 1.33
N LYS B 343 -32.37 21.54 1.71
CA LYS B 343 -31.29 21.07 2.56
C LYS B 343 -30.55 19.90 1.91
N GLY B 344 -30.48 19.91 0.60
CA GLY B 344 -29.83 18.83 -0.13
C GLY B 344 -28.33 18.90 -0.14
N SER B 345 -27.80 20.10 0.03
CA SER B 345 -26.36 20.33 -0.03
C SER B 345 -25.67 19.80 1.22
N GLY B 346 -24.57 19.08 1.04
CA GLY B 346 -23.89 18.45 2.14
C GLY B 346 -24.36 17.01 2.18
N GLY B 347 -23.84 16.21 3.10
CA GLY B 347 -24.19 14.81 3.14
C GLY B 347 -23.29 14.05 4.07
N ILE B 348 -23.55 12.74 4.17
CA ILE B 348 -22.76 11.89 5.04
C ILE B 348 -22.90 10.47 4.51
N LYS B 349 -21.84 9.67 4.62
CA LYS B 349 -21.93 8.26 4.24
C LYS B 349 -22.81 7.55 5.26
N GLY B 350 -23.76 6.75 4.78
CA GLY B 350 -24.71 6.10 5.69
C GLY B 350 -24.65 4.59 5.74
N GLY B 351 -24.96 4.05 6.91
CA GLY B 351 -24.97 2.61 7.11
C GLY B 351 -26.16 1.96 6.42
N PHE B 352 -25.95 0.75 5.93
CA PHE B 352 -26.98 0.02 5.21
C PHE B 352 -26.51 -1.43 5.16
N VAL B 353 -27.37 -2.36 5.57
CA VAL B 353 -27.01 -3.77 5.49
C VAL B 353 -28.27 -4.61 5.33
N HIS B 354 -28.13 -5.74 4.64
CA HIS B 354 -29.26 -6.62 4.36
C HIS B 354 -29.40 -7.77 5.35
N GLN B 355 -30.64 -8.11 5.67
CA GLN B 355 -30.92 -9.33 6.40
C GLN B 355 -31.68 -10.24 5.43
N ARG B 356 -31.02 -11.24 4.87
CA ARG B 356 -31.63 -12.10 3.85
C ARG B 356 -32.27 -13.30 4.49
N MET B 357 -33.60 -13.39 4.40
CA MET B 357 -34.32 -14.53 4.95
C MET B 357 -34.85 -15.39 3.81
N GLU B 358 -35.51 -16.49 4.14
CA GLU B 358 -36.05 -17.39 3.12
C GLU B 358 -36.94 -16.66 2.12
N SER B 359 -37.91 -15.90 2.62
CA SER B 359 -38.86 -15.24 1.74
C SER B 359 -39.07 -13.77 2.08
N LYS B 360 -38.11 -13.18 2.79
CA LYS B 360 -38.15 -11.76 3.13
C LYS B 360 -36.75 -11.18 3.07
N ILE B 361 -36.67 -9.87 2.87
CA ILE B 361 -35.40 -9.18 2.96
CA ILE B 361 -35.41 -9.16 2.95
C ILE B 361 -35.55 -7.99 3.92
N GLY B 362 -34.69 -7.95 4.93
CA GLY B 362 -34.70 -6.83 5.85
C GLY B 362 -33.66 -5.84 5.36
N ARG B 363 -34.01 -4.56 5.33
CA ARG B 363 -33.05 -3.53 4.99
C ARG B 363 -32.89 -2.67 6.23
N TRP B 364 -31.66 -2.65 6.76
CA TRP B 364 -31.32 -1.92 7.96
C TRP B 364 -30.50 -0.70 7.58
N TYR B 365 -30.83 0.45 8.15
CA TYR B 365 -30.15 1.71 7.81
C TYR B 365 -29.80 2.49 9.06
N SER B 366 -28.81 3.36 8.97
CA SER B 366 -28.54 4.27 10.08
C SER B 366 -28.51 5.73 9.63
N ARG B 367 -28.90 6.62 10.53
CA ARG B 367 -28.77 8.05 10.28
C ARG B 367 -28.51 8.77 11.60
N THR B 368 -27.88 9.95 11.51
CA THR B 368 -27.54 10.74 12.69
C THR B 368 -28.81 11.10 13.46
N MET B 369 -28.69 11.33 14.77
CA MET B 369 -29.85 11.80 15.54
C MET B 369 -30.17 13.25 15.20
N SER B 370 -29.14 14.06 14.99
CA SER B 370 -29.34 15.46 14.61
C SER B 370 -29.67 15.58 13.13
N LYS B 371 -30.60 16.46 12.79
CA LYS B 371 -30.94 16.70 11.39
C LYS B 371 -29.85 17.46 10.63
N THR B 372 -28.99 18.17 11.35
CA THR B 372 -27.99 19.02 10.69
C THR B 372 -26.54 18.74 11.09
N GLU B 373 -26.34 18.12 12.25
CA GLU B 373 -24.98 17.92 12.75
C GLU B 373 -24.63 16.44 12.84
N ARG B 374 -23.33 16.15 12.82
CA ARG B 374 -22.85 14.78 12.91
C ARG B 374 -22.79 14.33 14.38
N MET B 375 -23.98 14.23 14.96
CA MET B 375 -24.16 13.91 16.36
C MET B 375 -25.21 12.81 16.46
N GLY B 376 -24.91 11.76 17.23
CA GLY B 376 -25.86 10.69 17.41
C GLY B 376 -25.94 9.75 16.21
N MET B 377 -26.53 8.58 16.42
CA MET B 377 -26.76 7.63 15.34
C MET B 377 -27.89 6.69 15.72
N GLY B 378 -28.91 6.64 14.88
CA GLY B 378 -30.06 5.79 15.15
C GLY B 378 -30.18 4.72 14.07
N LEU B 379 -30.80 3.61 14.43
CA LEU B 379 -30.96 2.47 13.54
C LEU B 379 -32.41 2.35 13.11
N TYR B 380 -32.63 2.03 11.84
CA TYR B 380 -33.97 1.94 11.25
C TYR B 380 -34.05 0.66 10.44
N VAL B 381 -35.26 0.14 10.24
CA VAL B 381 -35.43 -1.08 9.48
C VAL B 381 -36.74 -1.07 8.70
N LYS B 382 -36.72 -1.70 7.53
CA LYS B 382 -37.95 -2.01 6.83
C LYS B 382 -37.77 -3.33 6.09
N TYR B 383 -38.77 -4.19 6.18
CA TYR B 383 -38.74 -5.47 5.49
C TYR B 383 -39.45 -5.36 4.14
N ASP B 384 -38.78 -5.83 3.09
CA ASP B 384 -39.40 -5.94 1.77
C ASP B 384 -39.81 -4.60 1.16
N GLY B 385 -40.57 -4.69 0.07
CA GLY B 385 -41.00 -3.51 -0.66
C GLY B 385 -39.92 -2.98 -1.58
N ASP B 386 -40.29 -1.97 -2.35
CA ASP B 386 -39.38 -1.32 -3.29
C ASP B 386 -38.95 0.01 -2.68
N PRO B 387 -37.67 0.14 -2.31
CA PRO B 387 -37.24 1.41 -1.69
C PRO B 387 -37.36 2.62 -2.61
N TRP B 388 -37.47 2.39 -3.92
CA TRP B 388 -37.70 3.49 -4.86
C TRP B 388 -39.13 4.02 -4.83
N ALA B 389 -40.05 3.24 -4.28
CA ALA B 389 -41.45 3.59 -4.37
C ALA B 389 -42.18 3.77 -3.04
N ASP B 390 -41.74 3.08 -1.99
CA ASP B 390 -42.44 3.17 -0.70
C ASP B 390 -42.08 4.47 0.02
N SER B 391 -43.07 5.34 0.25
CA SER B 391 -42.86 6.56 1.00
C SER B 391 -42.95 6.33 2.51
N ASP B 392 -43.36 5.14 2.92
CA ASP B 392 -43.52 4.82 4.35
C ASP B 392 -42.27 5.15 5.16
N ALA B 393 -42.48 5.69 6.35
CA ALA B 393 -41.40 5.89 7.30
C ALA B 393 -40.78 4.54 7.63
N LEU B 394 -39.46 4.53 7.79
CA LEU B 394 -38.75 3.36 8.27
C LEU B 394 -39.11 3.17 9.75
N ALA B 395 -39.04 1.95 10.25
CA ALA B 395 -39.30 1.73 11.66
C ALA B 395 -38.05 2.05 12.48
N PHE B 396 -38.19 2.95 13.45
CA PHE B 396 -37.08 3.27 14.33
C PHE B 396 -36.75 2.07 15.19
N SER B 397 -35.49 1.68 15.25
N SER B 397 -35.47 1.70 15.22
CA SER B 397 -35.18 0.48 15.98
CA SER B 397 -35.04 0.46 15.86
C SER B 397 -34.44 0.73 17.29
C SER B 397 -33.90 0.63 16.88
N GLY B 398 -33.72 1.84 17.38
CA GLY B 398 -32.88 2.08 18.54
C GLY B 398 -31.82 3.14 18.36
N VAL B 399 -31.45 3.76 19.48
CA VAL B 399 -30.34 4.70 19.51
C VAL B 399 -29.01 3.96 19.72
N MET B 400 -28.13 4.00 18.72
CA MET B 400 -26.84 3.34 18.84
C MET B 400 -25.81 4.28 19.45
N VAL B 401 -25.92 5.57 19.09
CA VAL B 401 -25.06 6.61 19.66
C VAL B 401 -25.97 7.79 20.05
N SER B 402 -25.86 8.26 21.29
CA SER B 402 -26.75 9.32 21.75
C SER B 402 -26.43 10.65 21.08
N MET B 403 -27.37 11.58 21.17
CA MET B 403 -27.22 12.88 20.54
C MET B 403 -26.07 13.70 21.14
N LYS B 404 -25.51 13.26 22.26
CA LYS B 404 -24.38 13.94 22.89
C LYS B 404 -23.01 13.43 22.42
N GLU B 405 -23.00 12.36 21.62
CA GLU B 405 -21.75 11.78 21.13
C GLU B 405 -21.65 11.94 19.61
N PRO B 406 -20.43 11.95 19.06
CA PRO B 406 -20.26 12.14 17.61
C PRO B 406 -20.74 10.93 16.83
N GLY B 407 -21.46 11.19 15.74
CA GLY B 407 -21.88 10.14 14.83
C GLY B 407 -21.55 10.60 13.42
N TRP B 408 -20.50 10.01 12.85
CA TRP B 408 -20.05 10.44 11.53
C TRP B 408 -20.41 9.38 10.49
N TYR B 409 -19.43 8.86 9.75
CA TYR B 409 -19.73 7.86 8.72
C TYR B 409 -20.26 6.58 9.34
N SER B 410 -21.15 5.89 8.63
N SER B 410 -21.13 5.89 8.61
CA SER B 410 -21.56 4.55 9.02
CA SER B 410 -21.56 4.55 8.99
C SER B 410 -21.58 3.63 7.81
C SER B 410 -21.42 3.64 7.80
N PHE B 411 -21.40 2.33 8.05
CA PHE B 411 -21.18 1.37 6.98
C PHE B 411 -21.79 0.04 7.35
N GLY B 412 -22.10 -0.78 6.36
CA GLY B 412 -22.57 -2.13 6.64
C GLY B 412 -21.47 -3.15 6.38
N PHE B 413 -21.59 -4.31 7.02
CA PHE B 413 -20.75 -5.46 6.67
C PHE B 413 -21.39 -6.72 7.20
N GLU B 414 -20.87 -7.87 6.78
CA GLU B 414 -21.45 -9.13 7.22
C GLU B 414 -20.36 -10.03 7.77
N ILE B 415 -20.58 -10.59 8.96
CA ILE B 415 -19.64 -11.56 9.49
C ILE B 415 -20.07 -12.93 9.03
N LYS B 416 -19.11 -13.79 8.67
CA LYS B 416 -19.47 -15.13 8.21
C LYS B 416 -19.46 -16.11 9.39
N ASP B 417 -20.65 -16.54 9.80
CA ASP B 417 -20.78 -17.62 10.77
C ASP B 417 -20.56 -18.92 9.97
N LYS B 418 -20.60 -20.07 10.63
CA LYS B 418 -20.31 -21.34 9.96
C LYS B 418 -21.21 -21.61 8.74
N LYS B 419 -22.50 -21.33 8.87
CA LYS B 419 -23.46 -21.67 7.83
C LYS B 419 -24.31 -20.49 7.35
N CYS B 420 -24.16 -19.34 7.98
CA CYS B 420 -24.98 -18.19 7.64
C CYS B 420 -24.21 -16.89 7.86
N ASP B 421 -24.76 -15.78 7.39
CA ASP B 421 -24.09 -14.49 7.48
C ASP B 421 -24.75 -13.60 8.52
N VAL B 422 -23.93 -12.85 9.27
CA VAL B 422 -24.43 -11.97 10.32
C VAL B 422 -24.33 -10.51 9.87
N PRO B 423 -25.48 -9.85 9.66
CA PRO B 423 -25.41 -8.45 9.21
C PRO B 423 -25.04 -7.50 10.36
N CYS B 424 -24.17 -6.55 10.09
CA CYS B 424 -23.73 -5.59 11.10
C CYS B 424 -23.67 -4.17 10.52
N ILE B 425 -23.71 -3.19 11.41
CA ILE B 425 -23.42 -1.81 11.03
C ILE B 425 -22.32 -1.24 11.94
N GLY B 426 -21.34 -0.58 11.33
CA GLY B 426 -20.30 0.06 12.10
C GLY B 426 -20.50 1.56 12.02
N ILE B 427 -20.07 2.26 13.06
CA ILE B 427 -20.24 3.69 13.13
C ILE B 427 -18.92 4.35 13.44
N GLU B 428 -18.52 5.30 12.60
CA GLU B 428 -17.33 6.11 12.83
C GLU B 428 -17.68 7.21 13.84
N MET B 429 -16.96 7.24 14.96
CA MET B 429 -17.20 8.27 15.98
C MET B 429 -15.97 9.18 16.07
N VAL B 430 -16.05 10.30 15.35
CA VAL B 430 -14.89 11.16 15.15
C VAL B 430 -14.62 12.02 16.37
N HIS B 431 -13.35 12.08 16.77
CA HIS B 431 -12.95 13.01 17.81
C HIS B 431 -12.60 14.30 17.11
N ASP B 432 -13.48 15.30 17.19
CA ASP B 432 -13.26 16.55 16.48
C ASP B 432 -13.03 17.69 17.47
N GLY B 433 -11.80 18.18 17.53
CA GLY B 433 -11.50 19.32 18.38
C GLY B 433 -11.12 20.55 17.55
N GLY B 434 -11.39 20.49 16.25
CA GLY B 434 -10.97 21.55 15.35
C GLY B 434 -9.57 21.31 14.79
N LYS B 435 -9.06 22.28 14.04
CA LYS B 435 -7.81 22.10 13.31
C LYS B 435 -6.54 22.32 14.15
N GLU B 436 -6.70 22.86 15.35
CA GLU B 436 -5.55 23.12 16.22
C GLU B 436 -5.08 21.88 16.99
N THR B 437 -5.78 20.76 16.83
CA THR B 437 -5.38 19.55 17.56
C THR B 437 -5.57 18.32 16.68
N TRP B 438 -5.36 17.14 17.26
CA TRP B 438 -5.48 15.91 16.48
C TRP B 438 -6.95 15.66 16.11
N HIS B 439 -7.16 14.90 15.04
CA HIS B 439 -8.49 14.63 14.50
C HIS B 439 -8.51 13.17 14.07
N SER B 440 -9.28 12.34 14.78
CA SER B 440 -9.27 10.89 14.53
C SER B 440 -10.63 10.31 14.89
N ALA B 441 -10.73 8.98 14.94
CA ALA B 441 -12.03 8.35 15.16
C ALA B 441 -11.96 7.02 15.90
N ALA B 442 -13.02 6.73 16.66
CA ALA B 442 -13.28 5.40 17.20
C ALA B 442 -14.27 4.72 16.28
N THR B 443 -14.45 3.40 16.43
CA THR B 443 -15.41 2.64 15.62
C THR B 443 -16.32 1.84 16.53
N ALA B 444 -17.64 2.03 16.41
CA ALA B 444 -18.59 1.23 17.18
C ALA B 444 -19.30 0.24 16.27
N ILE B 445 -19.54 -0.97 16.78
CA ILE B 445 -20.19 -2.02 15.99
C ILE B 445 -21.46 -2.54 16.64
N TYR B 446 -22.53 -2.60 15.84
CA TYR B 446 -23.79 -3.20 16.23
C TYR B 446 -24.09 -4.32 15.22
N CYS B 447 -24.57 -5.47 15.70
CA CYS B 447 -24.91 -6.58 14.81
C CYS B 447 -26.27 -7.16 15.15
N LEU B 448 -26.90 -7.79 14.15
CA LEU B 448 -28.13 -8.53 14.37
C LEU B 448 -27.82 -9.65 15.36
N MET B 449 -28.59 -9.72 16.44
CA MET B 449 -28.44 -10.83 17.40
C MET B 449 -29.63 -10.94 18.34
N GLY B 450 -30.25 -12.12 18.32
CA GLY B 450 -31.37 -12.42 19.18
C GLY B 450 -32.60 -11.61 18.82
N SER B 451 -33.55 -11.57 19.75
CA SER B 451 -34.81 -10.87 19.53
C SER B 451 -34.96 -9.73 20.52
N GLY B 452 -36.10 -9.06 20.47
CA GLY B 452 -36.39 -7.97 21.41
C GLY B 452 -36.05 -6.61 20.85
N GLN B 453 -35.54 -5.74 21.72
CA GLN B 453 -35.27 -4.34 21.37
C GLN B 453 -33.79 -4.05 21.59
N LEU B 454 -33.27 -3.11 20.82
CA LEU B 454 -31.87 -2.69 20.96
C LEU B 454 -31.72 -2.02 22.32
N LEU B 455 -30.73 -2.44 23.10
CA LEU B 455 -30.70 -2.08 24.53
C LEU B 455 -29.71 -0.99 24.99
N TRP B 456 -28.54 -0.88 24.38
CA TRP B 456 -27.56 0.09 24.89
C TRP B 456 -26.84 0.89 23.81
N ASP B 457 -26.53 2.14 24.12
CA ASP B 457 -25.80 3.02 23.21
C ASP B 457 -24.30 2.96 23.49
N THR B 458 -23.52 3.59 22.62
CA THR B 458 -22.07 3.53 22.70
C THR B 458 -21.49 4.92 22.91
N VAL B 459 -20.48 5.02 23.78
CA VAL B 459 -19.70 6.26 23.96
C VAL B 459 -18.22 5.97 23.68
N THR B 460 -17.43 6.97 23.27
CA THR B 460 -16.03 6.68 22.96
C THR B 460 -15.15 6.66 24.21
N GLY B 461 -15.61 7.34 25.25
CA GLY B 461 -14.86 7.49 26.50
C GLY B 461 -13.64 8.38 26.45
N VAL B 462 -13.44 9.09 25.34
CA VAL B 462 -12.20 9.85 25.16
C VAL B 462 -12.33 11.32 25.54
N ASP B 463 -11.39 11.79 26.37
CA ASP B 463 -11.24 13.20 26.69
C ASP B 463 -10.10 13.75 25.82
N MET B 464 -10.43 14.59 24.84
CA MET B 464 -9.46 15.05 23.86
C MET B 464 -8.35 15.92 24.43
N ALA B 465 -8.51 16.41 25.65
CA ALA B 465 -7.48 17.23 26.29
C ALA B 465 -6.32 16.40 26.87
N LEU B 466 -6.49 15.10 27.02
CA LEU B 466 -5.45 14.28 27.65
C LEU B 466 -4.33 13.89 26.69
#